data_1T5G
#
_entry.id   1T5G
#
_cell.length_a   87.720
_cell.length_b   87.720
_cell.length_c   104.520
_cell.angle_alpha   90.00
_cell.angle_beta   90.00
_cell.angle_gamma   120.00
#
_symmetry.space_group_name_H-M   'P 32'
#
loop_
_entity.id
_entity.type
_entity.pdbx_description
1 polymer 'Arginase 1'
2 non-polymer 'FLUORIDE ION'
3 non-polymer 'MANGANESE (II) ION'
4 non-polymer ARGININE
5 water water
#
_entity_poly.entity_id   1
_entity_poly.type   'polypeptide(L)'
_entity_poly.pdbx_seq_one_letter_code
;KPIEIIGAPFSKGCPRGGVEKGPAALRKAGLVEKLKETEYNVRDHGDLAFVDVPNDSPFQIVKNPRSVGKANEQLAAVVA
ETQKNGTISVVLGGDHSMAIGSISGHARVHPDLAVIWVDAHTDINTPLTTSSGNLAGQPVAFLLKELKGKFPDVPGFSWV
TPAISAKDIVYIGLRDVDPGEHYIIKTLGIKYFSMTEVDKLGIGKVMEETFSYLLGRKKRPIHLSFDVDGLDPVFTPATG
TPVVGGLSYREGLYITEEIYKTGLLSGLDIMEVNPTLGKTPEEVTRTVNTAVALTLSAFGTKREGNHKPETDYL
;
_entity_poly.pdbx_strand_id   A,B,C
#
# COMPACT_ATOMS: atom_id res chain seq x y z
N LYS A 1 -4.10 19.34 28.94
CA LYS A 1 -2.68 19.71 28.65
C LYS A 1 -2.60 20.88 27.66
N PRO A 2 -1.51 21.67 27.71
CA PRO A 2 -1.33 22.82 26.81
C PRO A 2 -0.49 22.58 25.56
N ILE A 3 -0.89 23.23 24.46
CA ILE A 3 -0.19 23.14 23.18
C ILE A 3 0.22 24.54 22.76
N GLU A 4 1.46 24.68 22.29
CA GLU A 4 1.97 25.96 21.84
C GLU A 4 2.57 25.88 20.44
N ILE A 5 1.85 26.42 19.46
CA ILE A 5 2.32 26.42 18.08
C ILE A 5 3.46 27.42 17.92
N ILE A 6 4.53 27.00 17.24
CA ILE A 6 5.69 27.86 17.01
C ILE A 6 6.13 27.67 15.57
N GLY A 7 5.94 28.70 14.74
CA GLY A 7 6.33 28.60 13.35
C GLY A 7 7.80 28.89 13.16
N ALA A 8 8.46 28.08 12.34
CA ALA A 8 9.89 28.27 12.06
C ALA A 8 10.10 28.41 10.55
N PRO A 9 9.67 29.53 9.97
CA PRO A 9 9.82 29.78 8.54
C PRO A 9 11.28 29.98 8.15
N PHE A 10 12.04 28.90 8.19
CA PHE A 10 13.45 28.95 7.86
C PHE A 10 13.79 27.99 6.71
N SER A 11 14.64 28.44 5.78
CA SER A 11 15.01 27.63 4.64
C SER A 11 16.50 27.55 4.32
N LYS A 12 17.35 28.20 5.12
CA LYS A 12 18.79 28.16 4.86
C LYS A 12 19.45 26.79 5.06
N GLY A 13 18.68 25.81 5.52
CA GLY A 13 19.26 24.49 5.71
C GLY A 13 19.35 23.74 4.38
N CYS A 14 18.55 24.20 3.42
CA CYS A 14 18.52 23.60 2.09
C CYS A 14 18.58 24.73 1.06
N PRO A 15 19.30 24.51 -0.06
CA PRO A 15 19.45 25.51 -1.10
C PRO A 15 18.11 25.89 -1.76
N ARG A 16 17.16 24.96 -1.72
CA ARG A 16 15.83 25.20 -2.28
C ARG A 16 15.04 26.07 -1.30
N GLY A 17 14.54 27.19 -1.79
CA GLY A 17 13.75 28.05 -0.93
C GLY A 17 12.29 27.62 -1.04
N GLY A 18 11.49 27.97 -0.05
CA GLY A 18 10.08 27.60 -0.12
C GLY A 18 9.55 27.02 1.18
N VAL A 19 10.36 26.20 1.84
CA VAL A 19 9.93 25.60 3.10
C VAL A 19 9.55 26.62 4.17
N GLU A 20 9.96 27.87 3.97
CA GLU A 20 9.64 28.92 4.93
C GLU A 20 8.16 29.25 4.84
N LYS A 21 7.56 28.95 3.68
CA LYS A 21 6.14 29.20 3.46
C LYS A 21 5.29 28.09 4.08
N GLY A 22 5.96 27.05 4.56
CA GLY A 22 5.29 25.92 5.18
C GLY A 22 4.35 26.28 6.31
N PRO A 23 4.81 27.05 7.32
CA PRO A 23 3.95 27.44 8.45
C PRO A 23 2.63 28.05 7.96
N ALA A 24 2.74 28.95 6.97
CA ALA A 24 1.57 29.62 6.43
C ALA A 24 0.56 28.60 5.91
N ALA A 25 1.01 27.79 4.95
CA ALA A 25 0.19 26.75 4.35
C ALA A 25 -0.54 25.92 5.41
N LEU A 26 0.19 25.57 6.46
CA LEU A 26 -0.36 24.79 7.54
C LEU A 26 -1.41 25.57 8.34
N ARG A 27 -1.08 26.79 8.75
CA ARG A 27 -2.06 27.60 9.49
C ARG A 27 -3.24 27.84 8.57
N LYS A 28 -2.94 28.20 7.34
CA LYS A 28 -3.94 28.47 6.30
C LYS A 28 -4.85 27.27 6.05
N ALA A 29 -4.39 26.08 6.41
CA ALA A 29 -5.19 24.88 6.22
C ALA A 29 -6.17 24.66 7.38
N GLY A 30 -6.04 25.46 8.43
CA GLY A 30 -6.91 25.34 9.58
C GLY A 30 -6.31 24.61 10.76
N LEU A 31 -5.01 24.43 10.73
CA LEU A 31 -4.31 23.72 11.79
C LEU A 31 -4.68 24.18 13.20
N VAL A 32 -4.45 25.44 13.50
CA VAL A 32 -4.74 25.99 14.82
C VAL A 32 -6.21 25.81 15.22
N GLU A 33 -7.12 26.12 14.31
CA GLU A 33 -8.54 25.99 14.58
C GLU A 33 -8.91 24.53 14.84
N LYS A 34 -8.48 23.65 13.94
CA LYS A 34 -8.75 22.21 14.05
C LYS A 34 -8.16 21.68 15.37
N LEU A 35 -6.93 22.07 15.68
CA LEU A 35 -6.32 21.61 16.92
C LEU A 35 -7.19 21.96 18.10
N LYS A 36 -7.63 23.22 18.15
CA LYS A 36 -8.46 23.68 19.25
C LYS A 36 -9.69 22.81 19.53
N GLU A 37 -10.12 22.04 18.53
CA GLU A 37 -11.27 21.18 18.69
C GLU A 37 -10.88 19.90 19.42
N THR A 38 -9.63 19.81 19.85
CA THR A 38 -9.15 18.64 20.56
C THR A 38 -9.20 18.85 22.08
N GLU A 39 -8.96 17.77 22.81
CA GLU A 39 -8.96 17.78 24.28
C GLU A 39 -7.78 18.62 24.78
N TYR A 40 -7.22 19.45 23.91
CA TYR A 40 -6.08 20.28 24.27
C TYR A 40 -6.36 21.76 24.25
N ASN A 41 -5.43 22.50 24.86
CA ASN A 41 -5.51 23.95 24.95
C ASN A 41 -4.47 24.50 24.01
N VAL A 42 -4.91 25.14 22.94
CA VAL A 42 -3.99 25.66 21.94
C VAL A 42 -3.65 27.15 22.02
N ARG A 43 -2.35 27.45 21.93
CA ARG A 43 -1.87 28.83 21.93
C ARG A 43 -0.91 28.95 20.76
N ASP A 44 -1.08 29.99 19.94
CA ASP A 44 -0.21 30.21 18.80
C ASP A 44 0.83 31.27 19.13
N HIS A 45 2.09 30.89 19.11
CA HIS A 45 3.19 31.81 19.42
C HIS A 45 3.54 32.65 18.19
N GLY A 46 2.92 32.34 17.06
CA GLY A 46 3.21 33.06 15.82
C GLY A 46 4.48 32.54 15.19
N ASP A 47 4.87 33.09 14.04
CA ASP A 47 6.09 32.64 13.36
C ASP A 47 7.29 33.47 13.80
N LEU A 48 8.35 32.81 14.22
CA LEU A 48 9.55 33.50 14.67
C LEU A 48 10.18 34.34 13.55
N ALA A 49 10.65 35.52 13.90
CA ALA A 49 11.30 36.40 12.95
C ALA A 49 12.80 36.20 13.05
N PHE A 50 13.37 35.53 12.05
CA PHE A 50 14.80 35.23 12.03
C PHE A 50 15.67 36.29 11.37
N VAL A 51 16.61 36.86 12.13
CA VAL A 51 17.51 37.87 11.61
C VAL A 51 18.57 37.23 10.73
N ASP A 52 18.73 37.75 9.52
CA ASP A 52 19.71 37.20 8.60
C ASP A 52 21.09 37.70 8.97
N VAL A 53 22.07 36.80 8.94
CA VAL A 53 23.44 37.16 9.26
C VAL A 53 24.17 37.51 7.97
N PRO A 54 24.30 38.82 7.68
CA PRO A 54 24.98 39.30 6.47
C PRO A 54 26.38 38.75 6.29
N ASN A 55 26.83 38.71 5.04
CA ASN A 55 28.15 38.20 4.70
C ASN A 55 28.36 36.86 5.43
N ASP A 56 27.32 36.02 5.42
CA ASP A 56 27.38 34.74 6.08
C ASP A 56 28.14 33.74 5.21
N SER A 57 29.46 33.90 5.16
CA SER A 57 30.31 33.04 4.36
C SER A 57 30.15 31.58 4.77
N PRO A 58 30.36 30.65 3.84
CA PRO A 58 30.23 29.21 4.13
C PRO A 58 31.43 28.65 4.89
N PHE A 59 31.15 27.85 5.91
CA PHE A 59 32.23 27.23 6.67
C PHE A 59 32.63 25.99 5.89
N GLN A 60 33.74 26.07 5.16
CA GLN A 60 34.21 24.95 4.36
C GLN A 60 33.13 24.67 3.33
N ILE A 61 32.33 23.63 3.54
CA ILE A 61 31.25 23.31 2.61
C ILE A 61 29.94 23.83 3.17
N VAL A 62 29.79 23.70 4.49
CA VAL A 62 28.60 24.14 5.21
C VAL A 62 28.11 25.48 4.69
N LYS A 63 26.84 25.55 4.35
CA LYS A 63 26.26 26.77 3.82
C LYS A 63 25.43 27.48 4.87
N ASN A 64 25.44 28.81 4.83
CA ASN A 64 24.68 29.64 5.77
C ASN A 64 24.82 29.18 7.21
N PRO A 65 26.05 28.84 7.64
CA PRO A 65 26.23 28.40 9.03
C PRO A 65 25.68 29.36 10.07
N ARG A 66 26.25 30.56 10.14
CA ARG A 66 25.82 31.55 11.11
C ARG A 66 24.33 31.84 11.06
N SER A 67 23.74 31.84 9.87
CA SER A 67 22.31 32.12 9.73
C SER A 67 21.47 30.98 10.32
N VAL A 68 21.92 29.75 10.11
CA VAL A 68 21.21 28.61 10.63
C VAL A 68 21.44 28.57 12.13
N GLY A 69 22.71 28.71 12.52
CA GLY A 69 23.07 28.69 13.91
C GLY A 69 22.24 29.64 14.75
N LYS A 70 22.20 30.90 14.33
CA LYS A 70 21.45 31.93 15.05
C LYS A 70 19.96 31.65 15.11
N ALA A 71 19.38 31.18 14.00
CA ALA A 71 17.95 30.89 13.96
C ALA A 71 17.60 29.80 14.96
N ASN A 72 18.43 28.77 15.01
CA ASN A 72 18.23 27.67 15.94
C ASN A 72 18.37 28.10 17.40
N GLU A 73 19.40 28.88 17.69
CA GLU A 73 19.60 29.36 19.05
C GLU A 73 18.35 30.10 19.52
N GLN A 74 17.71 30.81 18.60
CA GLN A 74 16.50 31.53 18.94
C GLN A 74 15.34 30.55 19.12
N LEU A 75 15.35 29.47 18.35
CA LEU A 75 14.30 28.47 18.45
C LEU A 75 14.44 27.71 19.75
N ALA A 76 15.68 27.30 20.06
CA ALA A 76 15.97 26.57 21.29
C ALA A 76 15.48 27.38 22.49
N ALA A 77 15.72 28.68 22.46
CA ALA A 77 15.28 29.56 23.52
C ALA A 77 13.77 29.49 23.63
N VAL A 78 13.08 29.86 22.55
CA VAL A 78 11.62 29.84 22.55
C VAL A 78 11.09 28.54 23.11
N VAL A 79 11.40 27.43 22.44
CA VAL A 79 10.94 26.11 22.88
C VAL A 79 11.27 25.82 24.36
N ALA A 80 12.50 26.10 24.75
CA ALA A 80 12.93 25.86 26.12
C ALA A 80 12.02 26.59 27.09
N GLU A 81 11.47 27.72 26.64
CA GLU A 81 10.59 28.52 27.47
C GLU A 81 9.20 27.88 27.63
N THR A 82 8.57 27.48 26.53
CA THR A 82 7.25 26.86 26.64
C THR A 82 7.41 25.55 27.41
N GLN A 83 8.51 24.84 27.16
CA GLN A 83 8.73 23.60 27.88
C GLN A 83 8.77 23.91 29.37
N LYS A 84 9.34 25.05 29.73
CA LYS A 84 9.43 25.47 31.13
C LYS A 84 8.04 25.68 31.74
N ASN A 85 7.07 26.03 30.89
CA ASN A 85 5.73 26.24 31.38
C ASN A 85 4.91 24.97 31.23
N GLY A 86 5.61 23.85 31.12
CA GLY A 86 4.98 22.55 31.00
C GLY A 86 3.98 22.38 29.87
N THR A 87 4.04 23.24 28.86
CA THR A 87 3.12 23.09 27.74
C THR A 87 3.83 22.30 26.64
N ILE A 88 3.06 21.64 25.79
CA ILE A 88 3.62 20.86 24.69
C ILE A 88 3.92 21.78 23.52
N SER A 89 5.16 21.74 23.01
CA SER A 89 5.55 22.59 21.88
C SER A 89 5.44 21.91 20.52
N VAL A 90 4.95 22.68 19.56
CA VAL A 90 4.75 22.20 18.20
C VAL A 90 5.44 23.16 17.24
N VAL A 91 6.51 22.69 16.62
CA VAL A 91 7.25 23.53 15.68
C VAL A 91 6.83 23.21 14.24
N LEU A 92 6.24 24.19 13.58
CA LEU A 92 5.82 24.05 12.19
C LEU A 92 6.91 24.80 11.48
N GLY A 93 7.73 24.12 10.69
CA GLY A 93 8.78 24.89 10.07
C GLY A 93 9.03 24.72 8.60
N GLY A 94 10.30 24.96 8.27
CA GLY A 94 10.78 24.84 6.92
C GLY A 94 11.68 23.62 6.96
N ASP A 95 12.95 23.83 6.66
CA ASP A 95 13.88 22.71 6.62
C ASP A 95 14.11 22.13 8.01
N HIS A 96 14.54 20.87 8.03
CA HIS A 96 14.76 20.11 9.25
C HIS A 96 15.89 20.57 10.15
N SER A 97 16.73 21.48 9.68
CA SER A 97 17.82 21.98 10.51
C SER A 97 17.29 22.60 11.81
N MET A 98 16.02 23.03 11.80
CA MET A 98 15.42 23.64 12.98
C MET A 98 15.20 22.60 14.08
N ALA A 99 15.45 21.34 13.75
CA ALA A 99 15.31 20.26 14.71
C ALA A 99 16.40 20.49 15.76
N ILE A 100 17.51 21.09 15.31
CA ILE A 100 18.61 21.39 16.20
C ILE A 100 18.06 22.18 17.39
N GLY A 101 17.54 23.37 17.12
CA GLY A 101 16.98 24.19 18.18
C GLY A 101 15.75 23.64 18.88
N SER A 102 14.85 23.00 18.14
CA SER A 102 13.63 22.45 18.74
C SER A 102 13.95 21.43 19.84
N ILE A 103 14.90 20.55 19.58
CA ILE A 103 15.29 19.53 20.53
C ILE A 103 16.23 20.10 21.60
N SER A 104 17.27 20.82 21.16
CA SER A 104 18.21 21.42 22.10
C SER A 104 17.42 22.25 23.09
N GLY A 105 16.32 22.84 22.64
CA GLY A 105 15.49 23.61 23.54
C GLY A 105 14.77 22.64 24.46
N HIS A 106 14.01 21.73 23.86
CA HIS A 106 13.25 20.73 24.59
C HIS A 106 14.11 20.04 25.63
N ALA A 107 15.36 19.76 25.25
CA ALA A 107 16.32 19.09 26.14
C ALA A 107 16.61 19.85 27.42
N ARG A 108 16.82 21.16 27.32
CA ARG A 108 17.09 22.00 28.48
C ARG A 108 16.05 21.79 29.59
N VAL A 109 14.83 21.46 29.22
CA VAL A 109 13.77 21.28 30.20
C VAL A 109 13.49 19.81 30.49
N HIS A 110 13.84 18.96 29.52
CA HIS A 110 13.62 17.52 29.63
C HIS A 110 14.81 16.79 29.04
N PRO A 111 15.90 16.70 29.80
CA PRO A 111 17.13 16.03 29.37
C PRO A 111 17.01 14.53 29.12
N ASP A 112 15.99 13.92 29.72
CA ASP A 112 15.76 12.49 29.56
C ASP A 112 14.84 12.16 28.40
N LEU A 113 14.57 13.14 27.54
CA LEU A 113 13.67 12.92 26.41
C LEU A 113 14.17 11.92 25.38
N ALA A 114 13.22 11.18 24.82
CA ALA A 114 13.52 10.20 23.79
C ALA A 114 13.15 10.88 22.49
N VAL A 115 13.77 10.47 21.38
CA VAL A 115 13.49 11.07 20.10
C VAL A 115 13.14 10.03 19.05
N ILE A 116 11.97 10.20 18.45
CA ILE A 116 11.54 9.31 17.39
C ILE A 116 11.63 10.16 16.14
N TRP A 117 12.60 9.83 15.29
CA TRP A 117 12.82 10.57 14.06
C TRP A 117 12.16 9.90 12.85
N VAL A 118 11.04 10.46 12.39
CA VAL A 118 10.37 9.90 11.22
C VAL A 118 10.86 10.72 10.06
N ASP A 119 11.59 10.06 9.17
CA ASP A 119 12.20 10.73 8.02
C ASP A 119 12.67 9.67 7.03
N ALA A 120 12.91 10.07 5.79
CA ALA A 120 13.40 9.16 4.76
C ALA A 120 14.92 9.16 4.82
N HIS A 121 15.47 10.14 5.53
CA HIS A 121 16.90 10.26 5.67
C HIS A 121 17.31 10.36 7.14
N THR A 122 18.55 9.99 7.42
CA THR A 122 19.09 10.04 8.78
C THR A 122 19.44 11.47 9.17
N ASP A 123 19.78 12.31 8.18
CA ASP A 123 20.14 13.71 8.44
C ASP A 123 21.28 13.82 9.45
N ILE A 124 22.16 12.83 9.46
CA ILE A 124 23.25 12.84 10.43
C ILE A 124 24.62 13.13 9.85
N ASN A 125 24.63 13.73 8.66
CA ASN A 125 25.87 14.11 7.99
C ASN A 125 26.66 15.13 8.80
N THR A 126 27.88 14.79 9.21
CA THR A 126 28.68 15.77 9.95
C THR A 126 29.22 16.72 8.88
N PRO A 127 29.55 17.95 9.28
CA PRO A 127 30.08 18.90 8.29
C PRO A 127 31.28 18.36 7.49
N LEU A 128 31.86 17.25 7.93
CA LEU A 128 33.00 16.68 7.23
C LEU A 128 32.59 15.58 6.25
N THR A 129 31.37 15.08 6.39
CA THR A 129 30.88 14.01 5.52
C THR A 129 29.87 14.45 4.46
N THR A 130 29.38 15.67 4.57
CA THR A 130 28.40 16.18 3.61
C THR A 130 28.95 16.34 2.20
N SER A 131 28.11 16.04 1.20
CA SER A 131 28.48 16.18 -0.20
C SER A 131 28.08 17.58 -0.60
N SER A 132 27.20 18.16 0.21
CA SER A 132 26.70 19.51 0.02
C SER A 132 26.90 20.19 1.36
N GLY A 133 26.68 21.49 1.43
CA GLY A 133 26.86 22.17 2.69
C GLY A 133 25.53 22.36 3.39
N ASN A 134 24.49 21.67 2.90
CA ASN A 134 23.15 21.80 3.47
C ASN A 134 22.97 21.22 4.88
N LEU A 135 22.80 22.13 5.84
CA LEU A 135 22.64 21.75 7.23
C LEU A 135 21.36 21.00 7.50
N ALA A 136 20.36 21.20 6.65
CA ALA A 136 19.10 20.51 6.83
C ALA A 136 19.36 18.99 6.90
N GLY A 137 20.52 18.59 6.39
CA GLY A 137 20.82 17.17 6.37
C GLY A 137 21.82 16.82 7.47
N GLN A 138 22.02 17.73 8.43
CA GLN A 138 22.98 17.49 9.52
C GLN A 138 22.46 17.69 10.95
N PRO A 139 21.17 18.00 11.14
CA PRO A 139 20.65 18.20 12.48
C PRO A 139 21.14 17.25 13.58
N VAL A 140 20.97 15.96 13.36
CA VAL A 140 21.36 14.92 14.34
C VAL A 140 22.85 14.93 14.68
N ALA A 141 23.68 15.24 13.69
CA ALA A 141 25.12 15.29 13.94
C ALA A 141 25.40 16.36 15.02
N PHE A 142 24.55 17.40 15.05
CA PHE A 142 24.71 18.45 16.03
C PHE A 142 24.05 18.14 17.36
N LEU A 143 23.13 17.19 17.38
CA LEU A 143 22.43 16.85 18.62
C LEU A 143 23.05 15.67 19.38
N LEU A 144 23.83 14.86 18.69
CA LEU A 144 24.45 13.70 19.34
C LEU A 144 25.66 13.99 20.22
N LYS A 145 25.72 13.26 21.34
CA LYS A 145 26.82 13.38 22.27
C LYS A 145 28.02 12.65 21.68
N GLU A 146 27.77 11.43 21.18
CA GLU A 146 28.83 10.62 20.58
C GLU A 146 29.49 11.22 19.35
N LEU A 147 28.90 12.30 18.82
CA LEU A 147 29.44 12.96 17.63
C LEU A 147 30.19 14.24 17.93
N LYS A 148 30.17 14.67 19.19
CA LYS A 148 30.87 15.90 19.54
C LYS A 148 32.39 15.76 19.42
N GLY A 149 33.00 16.73 18.74
CA GLY A 149 34.44 16.71 18.55
C GLY A 149 34.86 15.95 17.30
N LYS A 150 33.95 15.11 16.79
CA LYS A 150 34.23 14.30 15.61
C LYS A 150 34.30 15.20 14.37
N PHE A 151 33.75 16.40 14.48
CA PHE A 151 33.78 17.34 13.38
C PHE A 151 34.08 18.75 13.92
N PRO A 152 34.73 19.58 13.11
CA PRO A 152 35.10 20.95 13.49
C PRO A 152 33.92 21.84 13.88
N ASP A 153 34.10 22.60 14.96
CA ASP A 153 33.08 23.51 15.45
C ASP A 153 32.69 24.45 14.31
N VAL A 154 31.39 24.70 14.19
CA VAL A 154 30.89 25.56 13.14
C VAL A 154 30.44 26.92 13.67
N PRO A 155 30.72 27.98 12.90
CA PRO A 155 30.35 29.35 13.28
C PRO A 155 28.86 29.50 13.53
N GLY A 156 28.49 29.89 14.74
CA GLY A 156 27.08 30.06 15.08
C GLY A 156 26.47 28.93 15.88
N PHE A 157 27.17 27.81 15.98
CA PHE A 157 26.67 26.66 16.72
C PHE A 157 27.47 26.37 17.98
N SER A 158 28.02 27.40 18.59
CA SER A 158 28.80 27.20 19.81
C SER A 158 27.88 27.09 21.03
N TRP A 159 26.68 27.64 20.90
CA TRP A 159 25.70 27.61 21.98
C TRP A 159 25.13 26.20 22.16
N VAL A 160 25.22 25.41 21.10
CA VAL A 160 24.68 24.07 21.14
C VAL A 160 25.47 23.09 21.99
N THR A 161 24.74 22.25 22.71
CA THR A 161 25.34 21.21 23.54
C THR A 161 24.60 19.92 23.17
N PRO A 162 25.33 18.87 22.77
CA PRO A 162 24.69 17.60 22.41
C PRO A 162 23.59 17.26 23.42
N ALA A 163 22.35 17.25 22.95
CA ALA A 163 21.20 16.98 23.81
C ALA A 163 20.93 15.52 24.13
N ILE A 164 21.20 14.62 23.20
CA ILE A 164 20.92 13.20 23.45
C ILE A 164 22.03 12.32 22.88
N SER A 165 22.05 11.07 23.32
CA SER A 165 23.05 10.12 22.85
C SER A 165 22.43 9.09 21.89
N ALA A 166 23.30 8.32 21.25
CA ALA A 166 22.87 7.31 20.29
C ALA A 166 21.73 6.42 20.79
N LYS A 167 21.71 6.12 22.09
CA LYS A 167 20.69 5.25 22.64
C LYS A 167 19.36 5.94 22.94
N ASP A 168 19.23 7.18 22.52
CA ASP A 168 18.00 7.91 22.81
C ASP A 168 17.22 8.31 21.57
N ILE A 169 17.68 7.86 20.41
CA ILE A 169 16.99 8.20 19.18
C ILE A 169 16.63 6.94 18.37
N VAL A 170 15.50 7.01 17.67
CA VAL A 170 15.05 5.90 16.86
C VAL A 170 14.57 6.46 15.54
N TYR A 171 15.17 6.00 14.44
CA TYR A 171 14.77 6.45 13.12
C TYR A 171 13.63 5.58 12.62
N ILE A 172 12.72 6.15 11.84
CA ILE A 172 11.65 5.36 11.23
C ILE A 172 11.40 5.87 9.81
N GLY A 173 11.48 4.94 8.86
CA GLY A 173 11.24 5.26 7.46
C GLY A 173 12.47 5.42 6.58
N LEU A 174 13.65 5.36 7.16
CA LEU A 174 14.91 5.49 6.41
C LEU A 174 14.93 4.69 5.10
N ARG A 175 15.40 5.33 4.03
CA ARG A 175 15.47 4.65 2.75
C ARG A 175 16.41 5.39 1.78
N ASP A 176 17.06 6.43 2.26
CA ASP A 176 17.97 7.23 1.44
C ASP A 176 19.08 7.73 2.37
N VAL A 177 20.01 6.84 2.68
CA VAL A 177 21.14 7.13 3.56
C VAL A 177 22.49 7.15 2.84
N ASP A 178 23.34 8.12 3.17
CA ASP A 178 24.64 8.21 2.54
C ASP A 178 25.61 7.23 3.15
N PRO A 179 26.69 6.93 2.42
CA PRO A 179 27.73 6.01 2.89
C PRO A 179 28.24 6.41 4.28
N GLY A 180 28.50 7.70 4.44
CA GLY A 180 28.99 8.21 5.71
C GLY A 180 27.91 8.14 6.78
N GLU A 181 26.71 8.64 6.45
CA GLU A 181 25.59 8.61 7.39
C GLU A 181 25.37 7.17 7.85
N HIS A 182 25.46 6.25 6.90
CA HIS A 182 25.26 4.84 7.18
C HIS A 182 26.38 4.34 8.08
N TYR A 183 27.61 4.65 7.70
CA TYR A 183 28.76 4.24 8.49
C TYR A 183 28.54 4.67 9.93
N ILE A 184 28.16 5.94 10.10
CA ILE A 184 27.91 6.51 11.41
C ILE A 184 26.81 5.80 12.22
N ILE A 185 25.60 5.73 11.68
CA ILE A 185 24.52 5.09 12.43
C ILE A 185 24.86 3.66 12.83
N LYS A 186 25.64 2.97 12.00
CA LYS A 186 26.05 1.59 12.29
C LYS A 186 27.15 1.59 13.37
N THR A 187 28.12 2.49 13.20
CA THR A 187 29.23 2.61 14.13
C THR A 187 28.81 3.00 15.53
N LEU A 188 27.72 3.76 15.64
CA LEU A 188 27.24 4.22 16.94
C LEU A 188 26.11 3.37 17.51
N GLY A 189 25.75 2.31 16.81
CA GLY A 189 24.70 1.45 17.28
C GLY A 189 23.39 2.18 17.52
N ILE A 190 23.00 3.03 16.56
CA ILE A 190 21.74 3.77 16.65
C ILE A 190 20.58 2.92 16.13
N LYS A 191 19.62 2.65 17.00
CA LYS A 191 18.45 1.87 16.63
C LYS A 191 17.70 2.55 15.48
N TYR A 192 17.26 1.78 14.49
CA TYR A 192 16.52 2.35 13.37
C TYR A 192 15.67 1.30 12.68
N PHE A 193 14.59 1.76 12.07
CA PHE A 193 13.66 0.92 11.31
C PHE A 193 13.57 1.43 9.87
N SER A 194 14.43 0.94 8.98
CA SER A 194 14.40 1.38 7.60
C SER A 194 13.13 0.86 6.96
N MET A 195 12.87 1.28 5.73
CA MET A 195 11.66 0.78 5.09
C MET A 195 11.70 -0.73 5.01
N THR A 196 12.90 -1.30 5.03
CA THR A 196 13.03 -2.75 4.94
C THR A 196 12.50 -3.42 6.21
N GLU A 197 12.76 -2.80 7.36
CA GLU A 197 12.29 -3.35 8.63
C GLU A 197 10.77 -3.22 8.71
N VAL A 198 10.26 -2.06 8.29
CA VAL A 198 8.82 -1.82 8.33
C VAL A 198 8.12 -2.86 7.45
N ASP A 199 8.73 -3.19 6.32
CA ASP A 199 8.16 -4.18 5.43
C ASP A 199 8.11 -5.50 6.16
N LYS A 200 9.23 -5.85 6.76
CA LYS A 200 9.40 -7.10 7.50
C LYS A 200 8.47 -7.24 8.70
N LEU A 201 8.50 -6.23 9.57
CA LEU A 201 7.71 -6.25 10.77
C LEU A 201 6.29 -5.78 10.59
N GLY A 202 6.12 -4.71 9.79
CA GLY A 202 4.80 -4.13 9.62
C GLY A 202 4.78 -3.01 10.66
N ILE A 203 4.30 -1.83 10.29
CA ILE A 203 4.28 -0.70 11.22
C ILE A 203 3.76 -1.05 12.60
N GLY A 204 2.90 -2.07 12.68
CA GLY A 204 2.37 -2.47 13.98
C GLY A 204 3.48 -2.87 14.96
N LYS A 205 4.25 -3.89 14.58
CA LYS A 205 5.34 -4.36 15.42
C LYS A 205 6.45 -3.31 15.50
N VAL A 206 6.62 -2.53 14.44
CA VAL A 206 7.65 -1.50 14.40
C VAL A 206 7.48 -0.56 15.58
N MET A 207 6.27 -0.02 15.74
CA MET A 207 5.98 0.90 16.85
C MET A 207 6.12 0.21 18.20
N GLU A 208 5.82 -1.08 18.20
CA GLU A 208 5.90 -1.91 19.38
C GLU A 208 7.35 -1.95 19.88
N GLU A 209 8.27 -2.22 18.95
CA GLU A 209 9.67 -2.30 19.28
C GLU A 209 10.31 -0.96 19.67
N THR A 210 9.95 0.10 18.97
CA THR A 210 10.53 1.40 19.29
C THR A 210 10.14 1.86 20.70
N PHE A 211 8.94 1.49 21.14
CA PHE A 211 8.51 1.89 22.49
C PHE A 211 9.21 1.06 23.57
N SER A 212 9.46 -0.21 23.27
CA SER A 212 10.13 -1.06 24.24
C SER A 212 11.60 -0.70 24.33
N TYR A 213 12.15 -0.20 23.22
CA TYR A 213 13.55 0.21 23.18
C TYR A 213 13.72 1.51 23.96
N LEU A 214 12.92 2.51 23.63
CA LEU A 214 13.00 3.81 24.27
C LEU A 214 12.33 3.95 25.63
N LEU A 215 11.24 3.24 25.85
CA LEU A 215 10.52 3.32 27.12
C LEU A 215 10.59 2.03 27.95
N GLY A 216 11.47 1.12 27.53
CA GLY A 216 11.62 -0.13 28.24
C GLY A 216 11.95 -0.02 29.72
N ARG A 217 13.03 0.67 30.03
CA ARG A 217 13.44 0.84 31.42
C ARG A 217 12.62 1.95 32.09
N LYS A 218 12.83 3.18 31.65
CA LYS A 218 12.13 4.31 32.23
C LYS A 218 11.10 4.88 31.25
N LYS A 219 10.14 5.63 31.79
CA LYS A 219 9.10 6.27 30.98
C LYS A 219 9.42 7.76 30.90
N ARG A 220 10.07 8.19 29.82
CA ARG A 220 10.44 9.59 29.63
C ARG A 220 9.64 10.32 28.55
N PRO A 221 9.84 11.65 28.43
CA PRO A 221 9.15 12.46 27.43
C PRO A 221 9.57 12.14 25.98
N ILE A 222 8.62 12.30 25.07
CA ILE A 222 8.85 12.04 23.66
C ILE A 222 8.88 13.25 22.76
N HIS A 223 9.93 13.32 21.95
CA HIS A 223 10.09 14.38 20.99
C HIS A 223 10.00 13.76 19.61
N LEU A 224 8.82 13.85 19.01
CA LEU A 224 8.60 13.33 17.68
C LEU A 224 8.98 14.38 16.65
N SER A 225 10.06 14.14 15.92
CA SER A 225 10.50 15.08 14.88
C SER A 225 10.05 14.45 13.57
N PHE A 226 8.95 14.93 13.01
CA PHE A 226 8.42 14.35 11.79
C PHE A 226 8.78 15.08 10.49
N ASP A 227 9.58 14.43 9.68
CA ASP A 227 9.92 14.98 8.37
C ASP A 227 8.91 14.40 7.38
N VAL A 228 8.02 15.27 6.90
CA VAL A 228 6.98 14.85 5.99
C VAL A 228 7.54 13.97 4.85
N ASP A 229 8.83 14.05 4.48
CA ASP A 229 9.32 13.16 3.42
C ASP A 229 9.62 11.77 3.97
N GLY A 230 9.03 11.45 5.11
CA GLY A 230 9.14 10.13 5.69
C GLY A 230 8.09 9.28 5.00
N LEU A 231 7.10 9.93 4.40
CA LEU A 231 6.05 9.22 3.71
C LEU A 231 6.39 9.26 2.23
N ASP A 232 5.63 8.49 1.47
CA ASP A 232 5.83 8.39 0.03
C ASP A 232 5.35 9.63 -0.72
N PRO A 233 6.11 10.06 -1.76
CA PRO A 233 5.79 11.25 -2.56
C PRO A 233 4.31 11.29 -3.00
N VAL A 234 3.66 10.14 -3.02
CA VAL A 234 2.25 10.07 -3.39
C VAL A 234 1.36 10.68 -2.30
N PHE A 235 1.93 10.88 -1.12
CA PHE A 235 1.16 11.46 -0.02
C PHE A 235 1.64 12.87 0.32
N THR A 236 2.95 13.06 0.24
CA THR A 236 3.55 14.33 0.56
C THR A 236 4.53 14.74 -0.54
N PRO A 237 4.03 14.89 -1.77
CA PRO A 237 4.90 15.28 -2.88
C PRO A 237 5.64 16.60 -2.70
N ALA A 238 4.95 17.61 -2.18
CA ALA A 238 5.56 18.93 -1.99
C ALA A 238 6.63 18.98 -0.91
N THR A 239 7.83 18.51 -1.26
CA THR A 239 8.97 18.49 -0.35
C THR A 239 10.24 18.56 -1.16
N GLY A 240 11.31 19.03 -0.52
CA GLY A 240 12.58 19.18 -1.21
C GLY A 240 13.29 17.92 -1.65
N THR A 241 13.19 16.86 -0.86
CA THR A 241 13.89 15.60 -1.20
C THR A 241 12.99 14.38 -1.16
N PRO A 242 12.04 14.28 -2.10
CA PRO A 242 11.13 13.14 -2.15
C PRO A 242 11.88 11.86 -2.53
N VAL A 243 11.42 10.72 -2.00
CA VAL A 243 12.06 9.45 -2.27
C VAL A 243 10.99 8.38 -2.35
N VAL A 244 11.02 7.56 -3.40
CA VAL A 244 10.00 6.53 -3.57
C VAL A 244 10.12 5.38 -2.58
N GLY A 245 9.00 4.70 -2.39
CA GLY A 245 8.93 3.57 -1.47
C GLY A 245 8.88 3.96 0.00
N GLY A 246 8.17 5.02 0.31
CA GLY A 246 8.11 5.47 1.69
C GLY A 246 6.94 4.97 2.52
N LEU A 247 6.77 5.59 3.68
CA LEU A 247 5.69 5.24 4.58
C LEU A 247 4.39 5.67 3.92
N SER A 248 3.34 4.90 4.17
CA SER A 248 2.04 5.20 3.60
C SER A 248 1.33 6.21 4.48
N TYR A 249 0.26 6.77 3.94
CA TYR A 249 -0.55 7.74 4.67
C TYR A 249 -0.97 7.08 5.98
N ARG A 250 -1.38 5.82 5.84
CA ARG A 250 -1.83 5.01 6.96
C ARG A 250 -0.79 4.78 8.05
N GLU A 251 0.42 4.40 7.65
CA GLU A 251 1.47 4.14 8.60
C GLU A 251 1.89 5.40 9.31
N GLY A 252 1.84 6.51 8.60
CA GLY A 252 2.18 7.79 9.18
C GLY A 252 1.23 8.05 10.33
N LEU A 253 -0.06 7.95 10.06
CA LEU A 253 -1.07 8.16 11.10
C LEU A 253 -0.97 7.13 12.19
N TYR A 254 -0.71 5.88 11.85
CA TYR A 254 -0.59 4.85 12.86
C TYR A 254 0.56 5.25 13.80
N ILE A 255 1.62 5.79 13.22
CA ILE A 255 2.76 6.18 14.03
C ILE A 255 2.32 7.21 15.06
N THR A 256 1.57 8.21 14.64
CA THR A 256 1.12 9.28 15.51
C THR A 256 0.04 8.95 16.54
N GLU A 257 -0.80 7.97 16.24
CA GLU A 257 -1.87 7.58 17.16
C GLU A 257 -1.35 6.76 18.33
N GLU A 258 -0.22 6.10 18.09
CA GLU A 258 0.44 5.28 19.09
C GLU A 258 1.17 6.20 20.04
N ILE A 259 1.97 7.09 19.46
CA ILE A 259 2.71 8.05 20.26
C ILE A 259 1.71 8.81 21.10
N TYR A 260 0.52 9.03 20.55
CA TYR A 260 -0.49 9.72 21.32
C TYR A 260 -0.88 8.89 22.57
N LYS A 261 -1.14 7.62 22.36
CA LYS A 261 -1.52 6.71 23.44
C LYS A 261 -0.49 6.56 24.58
N THR A 262 0.78 6.77 24.28
CA THR A 262 1.83 6.64 25.28
C THR A 262 1.68 7.72 26.33
N GLY A 263 0.89 8.74 26.01
CA GLY A 263 0.68 9.85 26.91
C GLY A 263 1.98 10.57 27.22
N LEU A 264 3.02 10.30 26.44
CA LEU A 264 4.33 10.92 26.68
C LEU A 264 4.79 11.95 25.66
N LEU A 265 3.95 12.29 24.69
CA LEU A 265 4.35 13.28 23.70
C LEU A 265 4.60 14.61 24.42
N SER A 266 5.83 15.10 24.28
CA SER A 266 6.24 16.33 24.92
C SER A 266 6.53 17.39 23.86
N GLY A 267 7.15 16.97 22.75
CA GLY A 267 7.48 17.89 21.67
C GLY A 267 7.31 17.30 20.28
N LEU A 268 6.85 18.11 19.34
CA LEU A 268 6.61 17.63 17.98
C LEU A 268 7.12 18.63 16.92
N ASP A 269 7.65 18.09 15.83
CA ASP A 269 8.13 18.91 14.72
C ASP A 269 7.45 18.40 13.47
N ILE A 270 6.97 19.32 12.64
CA ILE A 270 6.36 18.96 11.37
C ILE A 270 7.16 19.76 10.37
N MET A 271 8.17 19.13 9.77
CA MET A 271 9.06 19.82 8.85
C MET A 271 9.00 19.42 7.37
N GLU A 272 9.74 20.18 6.57
CA GLU A 272 9.89 19.98 5.13
C GLU A 272 8.67 20.16 4.23
N VAL A 273 7.58 20.71 4.76
CA VAL A 273 6.42 20.96 3.94
C VAL A 273 6.74 22.21 3.11
N ASN A 274 7.00 22.03 1.82
CA ASN A 274 7.34 23.11 0.90
C ASN A 274 6.19 23.27 -0.09
N PRO A 275 5.43 24.37 0.02
CA PRO A 275 4.30 24.59 -0.89
C PRO A 275 4.72 24.92 -2.33
N THR A 276 5.95 25.37 -2.50
CA THR A 276 6.44 25.77 -3.80
C THR A 276 6.97 24.61 -4.62
N LEU A 277 6.77 23.37 -4.17
CA LEU A 277 7.29 22.22 -4.91
C LEU A 277 6.22 21.29 -5.44
N GLY A 278 4.96 21.66 -5.25
CA GLY A 278 3.90 20.81 -5.76
C GLY A 278 3.66 21.05 -7.25
N LYS A 279 3.90 20.03 -8.07
CA LYS A 279 3.69 20.14 -9.51
C LYS A 279 2.28 20.64 -9.83
N THR A 280 1.38 20.52 -8.86
CA THR A 280 0.01 20.98 -9.03
C THR A 280 -0.56 21.40 -7.69
N PRO A 281 -1.54 22.31 -7.69
CA PRO A 281 -2.17 22.78 -6.45
C PRO A 281 -2.72 21.60 -5.66
N GLU A 282 -3.02 20.50 -6.33
CA GLU A 282 -3.54 19.33 -5.67
C GLU A 282 -2.42 18.70 -4.82
N GLU A 283 -1.21 18.68 -5.36
CA GLU A 283 -0.07 18.11 -4.66
C GLU A 283 0.26 18.89 -3.40
N VAL A 284 0.24 20.21 -3.49
CA VAL A 284 0.51 21.06 -2.32
C VAL A 284 -0.58 20.84 -1.28
N THR A 285 -1.83 20.87 -1.73
CA THR A 285 -2.95 20.67 -0.85
C THR A 285 -2.76 19.33 -0.18
N ARG A 286 -2.51 18.33 -1.01
CA ARG A 286 -2.31 16.95 -0.55
C ARG A 286 -1.25 16.87 0.55
N THR A 287 -0.13 17.56 0.36
CA THR A 287 0.94 17.55 1.37
C THR A 287 0.42 18.21 2.65
N VAL A 288 -0.04 19.46 2.53
CA VAL A 288 -0.52 20.18 3.69
C VAL A 288 -1.55 19.39 4.50
N ASN A 289 -2.53 18.83 3.81
CA ASN A 289 -3.57 18.07 4.48
C ASN A 289 -3.10 16.91 5.33
N THR A 290 -2.24 16.04 4.79
CA THR A 290 -1.79 14.91 5.59
C THR A 290 -0.86 15.38 6.69
N ALA A 291 -0.14 16.46 6.45
CA ALA A 291 0.75 16.98 7.49
C ALA A 291 -0.09 17.49 8.65
N VAL A 292 -1.29 17.96 8.36
CA VAL A 292 -2.18 18.46 9.41
C VAL A 292 -2.72 17.24 10.14
N ALA A 293 -3.18 16.26 9.38
CA ALA A 293 -3.73 15.04 9.96
C ALA A 293 -2.74 14.39 10.91
N LEU A 294 -1.46 14.39 10.54
CA LEU A 294 -0.40 13.82 11.40
C LEU A 294 -0.35 14.58 12.72
N THR A 295 -0.48 15.89 12.65
CA THR A 295 -0.45 16.70 13.85
C THR A 295 -1.69 16.45 14.70
N LEU A 296 -2.85 16.57 14.10
CA LEU A 296 -4.09 16.32 14.83
C LEU A 296 -4.04 14.96 15.50
N SER A 297 -3.59 13.95 14.75
CA SER A 297 -3.48 12.58 15.24
C SER A 297 -2.58 12.53 16.48
N ALA A 298 -1.36 13.04 16.34
CA ALA A 298 -0.46 13.07 17.46
C ALA A 298 -1.19 13.50 18.71
N PHE A 299 -2.02 14.52 18.58
CA PHE A 299 -2.74 15.04 19.73
C PHE A 299 -4.10 14.45 20.05
N GLY A 300 -4.30 13.18 19.74
CA GLY A 300 -5.54 12.53 20.12
C GLY A 300 -6.54 12.12 19.09
N THR A 301 -6.52 12.81 17.96
CA THR A 301 -7.47 12.45 16.94
C THR A 301 -7.31 10.97 16.53
N LYS A 302 -8.41 10.22 16.55
CA LYS A 302 -8.41 8.78 16.21
C LYS A 302 -9.25 8.46 14.97
N ARG A 303 -8.77 7.51 14.18
CA ARG A 303 -9.44 7.12 12.93
C ARG A 303 -10.70 6.35 13.25
N GLU A 304 -10.76 5.74 14.43
CA GLU A 304 -11.98 5.02 14.82
C GLU A 304 -13.07 5.99 15.27
N GLY A 305 -12.70 7.25 15.45
CA GLY A 305 -13.66 8.23 15.89
C GLY A 305 -13.27 8.79 17.24
N ASN A 306 -13.85 9.93 17.57
CA ASN A 306 -13.58 10.60 18.84
C ASN A 306 -14.90 11.22 19.31
N HIS A 307 -15.11 11.24 20.62
CA HIS A 307 -16.30 11.87 21.18
C HIS A 307 -15.99 12.46 22.54
N LYS A 308 -16.70 13.53 22.88
CA LYS A 308 -16.50 14.24 24.15
C LYS A 308 -17.01 13.47 25.36
N PRO A 309 -16.27 13.54 26.49
CA PRO A 309 -16.63 12.86 27.74
C PRO A 309 -17.85 13.53 28.40
N GLU A 310 -18.63 12.73 29.12
CA GLU A 310 -19.82 13.23 29.81
C GLU A 310 -20.95 13.70 28.90
N THR A 311 -20.82 13.50 27.60
CA THR A 311 -21.87 13.91 26.69
C THR A 311 -22.66 12.68 26.25
N ASP A 312 -23.93 12.62 26.67
CA ASP A 312 -24.80 11.52 26.30
C ASP A 312 -25.45 11.91 24.98
N TYR A 313 -24.90 11.42 23.88
CA TYR A 313 -25.39 11.73 22.54
C TYR A 313 -26.78 11.18 22.23
N LEU A 314 -27.28 10.31 23.09
CA LEU A 314 -28.59 9.72 22.88
C LEU A 314 -29.68 10.38 23.73
N LYS B 1 -24.85 -23.82 -6.09
CA LYS B 1 -25.68 -22.86 -5.32
C LYS B 1 -26.25 -21.79 -6.25
N PRO B 2 -27.40 -21.20 -5.89
CA PRO B 2 -28.04 -20.17 -6.72
C PRO B 2 -27.73 -18.71 -6.32
N ILE B 3 -27.61 -17.84 -7.32
CA ILE B 3 -27.36 -16.42 -7.11
C ILE B 3 -28.51 -15.65 -7.76
N GLU B 4 -29.01 -14.64 -7.07
CA GLU B 4 -30.09 -13.81 -7.59
C GLU B 4 -29.74 -12.33 -7.51
N ILE B 5 -29.45 -11.71 -8.66
CA ILE B 5 -29.13 -10.29 -8.70
C ILE B 5 -30.39 -9.48 -8.50
N ILE B 6 -30.31 -8.45 -7.68
CA ILE B 6 -31.44 -7.58 -7.41
C ILE B 6 -30.93 -6.15 -7.40
N GLY B 7 -31.32 -5.36 -8.39
CA GLY B 7 -30.87 -3.98 -8.44
C GLY B 7 -31.72 -3.07 -7.58
N ALA B 8 -31.07 -2.17 -6.84
CA ALA B 8 -31.78 -1.23 -5.98
C ALA B 8 -31.42 0.20 -6.33
N PRO B 9 -31.84 0.67 -7.52
CA PRO B 9 -31.56 2.03 -7.98
C PRO B 9 -32.24 3.11 -7.14
N PHE B 10 -31.79 3.24 -5.91
CA PHE B 10 -32.36 4.21 -4.99
C PHE B 10 -31.32 5.22 -4.50
N SER B 11 -31.71 6.49 -4.43
CA SER B 11 -30.80 7.54 -4.00
C SER B 11 -31.30 8.50 -2.93
N LYS B 12 -32.52 8.29 -2.43
CA LYS B 12 -33.07 9.19 -1.42
C LYS B 12 -32.38 9.13 -0.06
N GLY B 13 -31.41 8.23 0.10
CA GLY B 13 -30.72 8.13 1.37
C GLY B 13 -29.65 9.21 1.50
N CYS B 14 -29.25 9.74 0.35
CA CYS B 14 -28.24 10.79 0.29
C CYS B 14 -28.75 11.88 -0.64
N PRO B 15 -28.48 13.16 -0.32
CA PRO B 15 -28.91 14.29 -1.13
C PRO B 15 -28.31 14.29 -2.54
N ARG B 16 -27.16 13.66 -2.69
CA ARG B 16 -26.51 13.55 -3.99
C ARG B 16 -27.20 12.46 -4.81
N GLY B 17 -27.66 12.82 -6.00
CA GLY B 17 -28.31 11.84 -6.84
C GLY B 17 -27.24 11.19 -7.69
N GLY B 18 -27.52 9.99 -8.21
CA GLY B 18 -26.54 9.34 -9.05
C GLY B 18 -26.34 7.87 -8.71
N VAL B 19 -26.32 7.55 -7.43
CA VAL B 19 -26.14 6.16 -7.02
C VAL B 19 -27.20 5.22 -7.58
N GLU B 20 -28.29 5.76 -8.08
CA GLU B 20 -29.35 4.94 -8.67
C GLU B 20 -28.87 4.36 -9.99
N LYS B 21 -27.92 5.06 -10.63
CA LYS B 21 -27.35 4.61 -11.89
C LYS B 21 -26.33 3.51 -11.68
N GLY B 22 -26.00 3.26 -10.41
CA GLY B 22 -25.03 2.23 -10.07
C GLY B 22 -25.34 0.86 -10.64
N PRO B 23 -26.56 0.34 -10.43
CA PRO B 23 -26.89 -0.98 -10.97
C PRO B 23 -26.56 -1.09 -12.45
N ALA B 24 -26.94 -0.07 -13.22
CA ALA B 24 -26.69 -0.04 -14.65
C ALA B 24 -25.20 -0.23 -14.93
N ALA B 25 -24.40 0.69 -14.41
CA ALA B 25 -22.95 0.66 -14.60
C ALA B 25 -22.39 -0.73 -14.34
N LEU B 26 -22.88 -1.36 -13.28
CA LEU B 26 -22.41 -2.68 -12.89
C LEU B 26 -22.83 -3.75 -13.90
N ARG B 27 -24.11 -3.76 -14.26
CA ARG B 27 -24.58 -4.74 -15.24
C ARG B 27 -23.84 -4.46 -16.52
N LYS B 28 -23.81 -3.18 -16.89
CA LYS B 28 -23.14 -2.70 -18.10
C LYS B 28 -21.67 -3.11 -18.14
N ALA B 29 -21.10 -3.39 -16.97
CA ALA B 29 -19.69 -3.77 -16.89
C ALA B 29 -19.50 -5.27 -17.13
N GLY B 30 -20.60 -5.99 -17.23
CA GLY B 30 -20.53 -7.43 -17.48
C GLY B 30 -20.70 -8.29 -16.24
N LEU B 31 -21.15 -7.67 -15.15
CA LEU B 31 -21.35 -8.39 -13.90
C LEU B 31 -22.11 -9.73 -14.05
N VAL B 32 -23.34 -9.66 -14.55
CA VAL B 32 -24.15 -10.85 -14.71
C VAL B 32 -23.48 -11.92 -15.57
N GLU B 33 -22.91 -11.50 -16.70
CA GLU B 33 -22.24 -12.44 -17.60
C GLU B 33 -21.02 -13.05 -16.93
N LYS B 34 -20.20 -12.21 -16.32
CA LYS B 34 -18.99 -12.67 -15.64
C LYS B 34 -19.36 -13.60 -14.50
N LEU B 35 -20.38 -13.25 -13.73
CA LEU B 35 -20.80 -14.11 -12.62
C LEU B 35 -21.16 -15.49 -13.13
N LYS B 36 -21.94 -15.54 -14.21
CA LYS B 36 -22.35 -16.81 -14.78
C LYS B 36 -21.19 -17.76 -15.09
N GLU B 37 -20.00 -17.22 -15.26
CA GLU B 37 -18.82 -18.04 -15.55
C GLU B 37 -18.29 -18.68 -14.27
N THR B 38 -19.00 -18.48 -13.17
CA THR B 38 -18.57 -19.06 -11.90
C THR B 38 -19.31 -20.37 -11.62
N GLU B 39 -18.87 -21.06 -10.57
CA GLU B 39 -19.45 -22.32 -10.15
C GLU B 39 -20.86 -22.08 -9.62
N TYR B 40 -21.44 -20.93 -9.95
CA TYR B 40 -22.77 -20.57 -9.48
C TYR B 40 -23.80 -20.48 -10.58
N ASN B 41 -25.06 -20.46 -10.15
CA ASN B 41 -26.21 -20.34 -11.04
C ASN B 41 -26.78 -18.94 -10.87
N VAL B 42 -26.64 -18.11 -11.90
CA VAL B 42 -27.07 -16.73 -11.80
C VAL B 42 -28.44 -16.42 -12.42
N ARG B 43 -29.26 -15.67 -11.69
CA ARG B 43 -30.56 -15.24 -12.15
C ARG B 43 -30.66 -13.75 -11.86
N ASP B 44 -31.08 -12.97 -12.85
CA ASP B 44 -31.21 -11.53 -12.68
C ASP B 44 -32.66 -11.16 -12.44
N HIS B 45 -32.95 -10.61 -11.28
CA HIS B 45 -34.31 -10.22 -10.91
C HIS B 45 -34.66 -8.86 -11.51
N GLY B 46 -33.67 -8.21 -12.11
CA GLY B 46 -33.90 -6.89 -12.69
C GLY B 46 -33.84 -5.80 -11.62
N ASP B 47 -34.00 -4.55 -12.01
CA ASP B 47 -33.95 -3.46 -11.04
C ASP B 47 -35.34 -3.16 -10.52
N LEU B 48 -35.48 -3.11 -9.19
CA LEU B 48 -36.78 -2.83 -8.58
C LEU B 48 -37.29 -1.45 -8.95
N ALA B 49 -38.59 -1.35 -9.20
CA ALA B 49 -39.22 -0.08 -9.54
C ALA B 49 -39.80 0.51 -8.25
N PHE B 50 -39.15 1.54 -7.72
CA PHE B 50 -39.58 2.16 -6.47
C PHE B 50 -40.56 3.31 -6.66
N VAL B 51 -41.75 3.19 -6.07
CA VAL B 51 -42.78 4.23 -6.16
C VAL B 51 -42.42 5.39 -5.24
N ASP B 52 -42.43 6.60 -5.80
CA ASP B 52 -42.10 7.78 -5.02
C ASP B 52 -43.29 8.17 -4.17
N VAL B 53 -43.03 8.53 -2.92
CA VAL B 53 -44.09 8.94 -2.02
C VAL B 53 -44.19 10.47 -2.06
N PRO B 54 -45.17 10.99 -2.84
CA PRO B 54 -45.40 12.43 -2.98
C PRO B 54 -45.55 13.17 -1.65
N ASN B 55 -45.23 14.46 -1.68
CA ASN B 55 -45.32 15.29 -0.48
C ASN B 55 -44.67 14.54 0.68
N ASP B 56 -43.51 13.94 0.40
CA ASP B 56 -42.79 13.19 1.41
C ASP B 56 -42.01 14.17 2.31
N SER B 57 -42.74 14.85 3.18
CA SER B 57 -42.15 15.82 4.09
C SER B 57 -41.09 15.14 4.97
N PRO B 58 -40.09 15.91 5.42
CA PRO B 58 -39.01 15.39 6.27
C PRO B 58 -39.43 15.21 7.72
N PHE B 59 -39.09 14.06 8.30
CA PHE B 59 -39.42 13.82 9.69
C PHE B 59 -38.31 14.48 10.49
N GLN B 60 -38.62 15.65 11.07
CA GLN B 60 -37.63 16.40 11.83
C GLN B 60 -36.48 16.74 10.88
N ILE B 61 -35.37 16.03 10.98
CA ILE B 61 -34.23 16.27 10.08
C ILE B 61 -34.25 15.23 8.97
N VAL B 62 -34.59 14.00 9.33
CA VAL B 62 -34.66 12.88 8.38
C VAL B 62 -35.29 13.32 7.08
N LYS B 63 -34.60 13.02 5.98
CA LYS B 63 -35.09 13.41 4.66
C LYS B 63 -35.67 12.20 3.91
N ASN B 64 -36.71 12.45 3.13
CA ASN B 64 -37.37 11.42 2.35
C ASN B 64 -37.64 10.16 3.17
N PRO B 65 -38.14 10.31 4.40
CA PRO B 65 -38.42 9.13 5.23
C PRO B 65 -39.32 8.11 4.54
N ARG B 66 -40.56 8.50 4.27
CA ARG B 66 -41.53 7.62 3.64
C ARG B 66 -41.03 6.98 2.34
N SER B 67 -40.28 7.73 1.55
CA SER B 67 -39.77 7.23 0.27
C SER B 67 -38.72 6.14 0.49
N VAL B 68 -37.87 6.34 1.49
CA VAL B 68 -36.83 5.38 1.82
C VAL B 68 -37.52 4.18 2.46
N GLY B 69 -38.36 4.47 3.45
CA GLY B 69 -39.08 3.42 4.14
C GLY B 69 -39.78 2.45 3.21
N LYS B 70 -40.59 2.99 2.31
CA LYS B 70 -41.33 2.16 1.36
C LYS B 70 -40.42 1.37 0.42
N ALA B 71 -39.34 1.99 -0.05
CA ALA B 71 -38.42 1.32 -0.98
C ALA B 71 -37.79 0.11 -0.31
N ASN B 72 -37.40 0.29 0.96
CA ASN B 72 -36.79 -0.78 1.75
C ASN B 72 -37.77 -1.91 2.02
N GLU B 73 -38.98 -1.55 2.42
CA GLU B 73 -40.00 -2.57 2.69
C GLU B 73 -40.16 -3.46 1.46
N GLN B 74 -40.05 -2.85 0.28
CA GLN B 74 -40.19 -3.60 -0.95
C GLN B 74 -38.95 -4.46 -1.16
N LEU B 75 -37.80 -3.94 -0.75
CA LEU B 75 -36.56 -4.67 -0.91
C LEU B 75 -36.54 -5.86 0.04
N ALA B 76 -36.93 -5.60 1.29
CA ALA B 76 -36.96 -6.65 2.31
C ALA B 76 -37.84 -7.80 1.82
N ALA B 77 -38.96 -7.46 1.20
CA ALA B 77 -39.88 -8.45 0.66
C ALA B 77 -39.16 -9.27 -0.40
N VAL B 78 -38.69 -8.60 -1.44
CA VAL B 78 -38.00 -9.28 -2.51
C VAL B 78 -36.94 -10.23 -1.97
N VAL B 79 -35.95 -9.69 -1.26
CA VAL B 79 -34.86 -10.48 -0.70
C VAL B 79 -35.38 -11.64 0.15
N ALA B 80 -36.32 -11.36 1.03
CA ALA B 80 -36.88 -12.40 1.91
C ALA B 80 -37.41 -13.56 1.08
N GLU B 81 -37.84 -13.25 -0.15
CA GLU B 81 -38.40 -14.25 -1.04
C GLU B 81 -37.30 -15.13 -1.64
N THR B 82 -36.25 -14.53 -2.19
CA THR B 82 -35.20 -15.35 -2.77
C THR B 82 -34.55 -16.15 -1.66
N GLN B 83 -34.40 -15.53 -0.49
CA GLN B 83 -33.80 -16.25 0.63
C GLN B 83 -34.66 -17.47 0.92
N LYS B 84 -35.98 -17.35 0.76
CA LYS B 84 -36.90 -18.46 1.00
C LYS B 84 -36.67 -19.60 0.03
N ASN B 85 -36.15 -19.27 -1.15
CA ASN B 85 -35.88 -20.32 -2.12
C ASN B 85 -34.44 -20.78 -2.01
N GLY B 86 -33.84 -20.49 -0.86
CA GLY B 86 -32.46 -20.88 -0.59
C GLY B 86 -31.40 -20.38 -1.56
N THR B 87 -31.71 -19.34 -2.33
CA THR B 87 -30.72 -18.82 -3.26
C THR B 87 -30.00 -17.66 -2.59
N ILE B 88 -28.77 -17.39 -3.01
CA ILE B 88 -27.99 -16.30 -2.46
C ILE B 88 -28.40 -15.00 -3.14
N SER B 89 -28.75 -13.99 -2.35
CA SER B 89 -29.15 -12.69 -2.89
C SER B 89 -28.02 -11.68 -2.99
N VAL B 90 -28.02 -10.95 -4.10
CA VAL B 90 -27.01 -9.92 -4.37
C VAL B 90 -27.72 -8.61 -4.70
N VAL B 91 -27.59 -7.64 -3.81
CA VAL B 91 -28.23 -6.35 -4.04
C VAL B 91 -27.23 -5.34 -4.58
N LEU B 92 -27.44 -4.90 -5.81
CA LEU B 92 -26.59 -3.90 -6.44
C LEU B 92 -27.44 -2.66 -6.28
N GLY B 93 -26.98 -1.69 -5.51
CA GLY B 93 -27.84 -0.55 -5.36
C GLY B 93 -27.25 0.82 -5.52
N GLY B 94 -27.91 1.74 -4.82
CA GLY B 94 -27.48 3.11 -4.79
C GLY B 94 -26.94 3.34 -3.39
N ASP B 95 -27.60 4.23 -2.65
CA ASP B 95 -27.14 4.52 -1.30
C ASP B 95 -27.35 3.33 -0.38
N HIS B 96 -26.57 3.33 0.71
CA HIS B 96 -26.56 2.26 1.69
C HIS B 96 -27.82 2.08 2.52
N SER B 97 -28.75 3.02 2.45
CA SER B 97 -29.99 2.87 3.24
C SER B 97 -30.72 1.59 2.85
N MET B 98 -30.47 1.08 1.64
CA MET B 98 -31.12 -0.14 1.17
C MET B 98 -30.65 -1.35 1.95
N ALA B 99 -29.64 -1.15 2.79
CA ALA B 99 -29.12 -2.23 3.61
C ALA B 99 -30.23 -2.58 4.59
N ILE B 100 -31.04 -1.59 4.93
CA ILE B 100 -32.15 -1.79 5.85
C ILE B 100 -32.96 -2.96 5.33
N GLY B 101 -33.54 -2.78 4.14
CA GLY B 101 -34.34 -3.83 3.53
C GLY B 101 -33.62 -5.10 3.14
N SER B 102 -32.39 -5.00 2.65
CA SER B 102 -31.61 -6.18 2.25
C SER B 102 -31.40 -7.13 3.42
N ILE B 103 -31.07 -6.57 4.59
CA ILE B 103 -30.82 -7.38 5.78
C ILE B 103 -32.14 -7.79 6.46
N SER B 104 -33.02 -6.81 6.67
CA SER B 104 -34.30 -7.08 7.29
C SER B 104 -34.98 -8.20 6.51
N GLY B 105 -34.73 -8.25 5.21
CA GLY B 105 -35.31 -9.29 4.38
C GLY B 105 -34.56 -10.58 4.69
N HIS B 106 -33.25 -10.55 4.49
CA HIS B 106 -32.39 -11.70 4.75
C HIS B 106 -32.67 -12.31 6.11
N ALA B 107 -32.88 -11.45 7.11
CA ALA B 107 -33.14 -11.89 8.48
C ALA B 107 -34.40 -12.74 8.62
N ARG B 108 -35.49 -12.34 7.94
CA ARG B 108 -36.74 -13.09 7.99
C ARG B 108 -36.54 -14.57 7.67
N VAL B 109 -35.54 -14.87 6.85
CA VAL B 109 -35.28 -16.26 6.47
C VAL B 109 -34.10 -16.86 7.22
N HIS B 110 -33.22 -15.98 7.70
CA HIS B 110 -32.02 -16.39 8.44
C HIS B 110 -31.78 -15.42 9.59
N PRO B 111 -32.54 -15.58 10.69
CA PRO B 111 -32.43 -14.72 11.88
C PRO B 111 -31.09 -14.81 12.60
N ASP B 112 -30.36 -15.90 12.38
CA ASP B 112 -29.06 -16.09 13.02
C ASP B 112 -27.90 -15.59 12.16
N LEU B 113 -28.20 -14.82 11.13
CA LEU B 113 -27.15 -14.30 10.25
C LEU B 113 -26.21 -13.32 10.93
N ALA B 114 -24.96 -13.39 10.49
CA ALA B 114 -23.92 -12.50 11.00
C ALA B 114 -23.74 -11.44 9.92
N VAL B 115 -23.27 -10.26 10.32
CA VAL B 115 -23.10 -9.18 9.35
C VAL B 115 -21.71 -8.61 9.42
N ILE B 116 -21.06 -8.58 8.26
CA ILE B 116 -19.73 -8.00 8.15
C ILE B 116 -19.97 -6.74 7.36
N TRP B 117 -19.79 -5.61 8.01
CA TRP B 117 -20.02 -4.31 7.37
C TRP B 117 -18.71 -3.68 6.91
N VAL B 118 -18.44 -3.74 5.61
CA VAL B 118 -17.23 -3.11 5.09
C VAL B 118 -17.62 -1.73 4.62
N ASP B 119 -17.11 -0.71 5.31
CA ASP B 119 -17.47 0.66 5.02
C ASP B 119 -16.45 1.58 5.71
N ALA B 120 -16.40 2.84 5.28
CA ALA B 120 -15.51 3.82 5.87
C ALA B 120 -16.26 4.48 7.02
N HIS B 121 -17.57 4.27 7.05
CA HIS B 121 -18.42 4.84 8.08
C HIS B 121 -19.26 3.77 8.77
N THR B 122 -19.66 4.05 9.99
CA THR B 122 -20.48 3.14 10.77
C THR B 122 -21.94 3.19 10.30
N ASP B 123 -22.35 4.33 9.73
CA ASP B 123 -23.73 4.48 9.27
C ASP B 123 -24.75 4.14 10.35
N ILE B 124 -24.41 4.42 11.61
CA ILE B 124 -25.30 4.09 12.70
C ILE B 124 -25.95 5.30 13.39
N ASN B 125 -25.97 6.43 12.68
CA ASN B 125 -26.58 7.66 13.17
C ASN B 125 -28.07 7.47 13.40
N THR B 126 -28.55 7.65 14.63
CA THR B 126 -29.99 7.52 14.85
C THR B 126 -30.57 8.84 14.36
N PRO B 127 -31.87 8.86 14.01
CA PRO B 127 -32.46 10.11 13.53
C PRO B 127 -32.30 11.29 14.51
N LEU B 128 -31.88 11.01 15.73
CA LEU B 128 -31.67 12.05 16.73
C LEU B 128 -30.23 12.54 16.79
N THR B 129 -29.31 11.76 16.22
CA THR B 129 -27.90 12.13 16.24
C THR B 129 -27.35 12.64 14.91
N THR B 130 -28.11 12.50 13.83
CA THR B 130 -27.66 12.95 12.52
C THR B 130 -27.51 14.47 12.40
N SER B 131 -26.47 14.89 11.68
CA SER B 131 -26.19 16.30 11.45
C SER B 131 -26.94 16.68 10.20
N SER B 132 -27.34 15.65 9.45
CA SER B 132 -28.09 15.79 8.20
C SER B 132 -29.25 14.83 8.35
N GLY B 133 -30.18 14.88 7.41
CA GLY B 133 -31.31 13.96 7.50
C GLY B 133 -31.11 12.75 6.60
N ASN B 134 -29.88 12.58 6.11
CA ASN B 134 -29.56 11.48 5.20
C ASN B 134 -29.59 10.08 5.84
N LEU B 135 -30.60 9.31 5.46
CA LEU B 135 -30.79 7.97 5.98
C LEU B 135 -29.69 7.00 5.56
N ALA B 136 -29.03 7.30 4.44
CA ALA B 136 -27.96 6.43 3.95
C ALA B 136 -26.92 6.29 5.06
N GLY B 137 -26.90 7.22 6.01
CA GLY B 137 -25.93 7.11 7.08
C GLY B 137 -26.58 6.62 8.34
N GLN B 138 -27.75 5.97 8.24
CA GLN B 138 -28.47 5.49 9.45
C GLN B 138 -28.95 4.02 9.38
N PRO B 139 -28.65 3.31 8.29
CA PRO B 139 -29.09 1.90 8.18
C PRO B 139 -29.01 1.03 9.43
N VAL B 140 -27.82 0.97 10.02
CA VAL B 140 -27.61 0.14 11.20
C VAL B 140 -28.48 0.56 12.38
N ALA B 141 -28.70 1.84 12.55
CA ALA B 141 -29.53 2.29 13.67
C ALA B 141 -30.91 1.64 13.55
N PHE B 142 -31.33 1.38 12.32
CA PHE B 142 -32.62 0.77 12.10
C PHE B 142 -32.60 -0.74 12.20
N LEU B 143 -31.43 -1.34 12.07
CA LEU B 143 -31.33 -2.81 12.13
C LEU B 143 -31.00 -3.35 13.53
N LEU B 144 -30.44 -2.49 14.39
CA LEU B 144 -30.08 -2.95 15.72
C LEU B 144 -31.23 -3.10 16.72
N LYS B 145 -31.13 -4.15 17.51
CA LYS B 145 -32.11 -4.42 18.54
C LYS B 145 -31.85 -3.45 19.70
N GLU B 146 -30.59 -3.32 20.09
CA GLU B 146 -30.20 -2.43 21.19
C GLU B 146 -30.49 -0.97 20.95
N LEU B 147 -30.88 -0.63 19.73
CA LEU B 147 -31.17 0.76 19.38
C LEU B 147 -32.65 1.05 19.28
N LYS B 148 -33.49 0.03 19.40
CA LYS B 148 -34.94 0.23 19.28
C LYS B 148 -35.49 1.03 20.45
N GLY B 149 -36.27 2.06 20.12
CA GLY B 149 -36.86 2.90 21.14
C GLY B 149 -35.95 4.05 21.56
N LYS B 150 -34.67 3.93 21.23
CA LYS B 150 -33.71 4.98 21.57
C LYS B 150 -33.95 6.22 20.71
N PHE B 151 -34.69 6.05 19.62
CA PHE B 151 -35.01 7.17 18.73
C PHE B 151 -36.46 7.06 18.29
N PRO B 152 -37.11 8.20 18.03
CA PRO B 152 -38.52 8.25 17.60
C PRO B 152 -38.82 7.51 16.30
N ASP B 153 -39.91 6.75 16.31
CA ASP B 153 -40.33 5.99 15.15
C ASP B 153 -40.43 6.95 13.97
N VAL B 154 -40.00 6.47 12.81
CA VAL B 154 -40.00 7.29 11.60
C VAL B 154 -41.06 6.84 10.62
N PRO B 155 -41.74 7.79 9.97
CA PRO B 155 -42.79 7.51 8.98
C PRO B 155 -42.29 6.60 7.86
N GLY B 156 -42.92 5.44 7.72
CA GLY B 156 -42.54 4.52 6.68
C GLY B 156 -41.69 3.35 7.14
N PHE B 157 -41.15 3.44 8.35
CA PHE B 157 -40.31 2.38 8.89
C PHE B 157 -40.94 1.60 10.04
N SER B 158 -42.26 1.47 10.01
CA SER B 158 -42.96 0.75 11.07
C SER B 158 -42.93 -0.74 10.80
N TRP B 159 -42.71 -1.11 9.54
CA TRP B 159 -42.66 -2.51 9.15
C TRP B 159 -41.37 -3.15 9.61
N VAL B 160 -40.36 -2.31 9.84
CA VAL B 160 -39.06 -2.80 10.25
C VAL B 160 -38.98 -3.31 11.68
N THR B 161 -38.27 -4.42 11.85
CA THR B 161 -38.06 -5.02 13.17
C THR B 161 -36.57 -5.25 13.27
N PRO B 162 -35.93 -4.72 14.31
CA PRO B 162 -34.48 -4.90 14.48
C PRO B 162 -34.10 -6.34 14.17
N ALA B 163 -33.32 -6.53 13.10
CA ALA B 163 -32.91 -7.86 12.68
C ALA B 163 -31.74 -8.50 13.43
N ILE B 164 -30.78 -7.68 13.88
CA ILE B 164 -29.64 -8.25 14.60
C ILE B 164 -29.23 -7.37 15.78
N SER B 165 -28.43 -7.93 16.68
CA SER B 165 -27.97 -7.22 17.86
C SER B 165 -26.50 -6.81 17.73
N ALA B 166 -26.05 -5.97 18.65
CA ALA B 166 -24.67 -5.49 18.65
C ALA B 166 -23.63 -6.59 18.49
N LYS B 167 -23.90 -7.77 19.05
CA LYS B 167 -22.96 -8.89 18.96
C LYS B 167 -23.00 -9.68 17.64
N ASP B 168 -23.74 -9.19 16.67
CA ASP B 168 -23.84 -9.91 15.41
C ASP B 168 -23.28 -9.14 14.22
N ILE B 169 -22.67 -7.99 14.48
CA ILE B 169 -22.15 -7.17 13.40
C ILE B 169 -20.69 -6.85 13.63
N VAL B 170 -19.94 -6.77 12.54
CA VAL B 170 -18.52 -6.43 12.63
C VAL B 170 -18.21 -5.42 11.54
N TYR B 171 -17.68 -4.28 11.95
CA TYR B 171 -17.33 -3.25 10.98
C TYR B 171 -15.91 -3.48 10.50
N ILE B 172 -15.63 -3.13 9.25
CA ILE B 172 -14.26 -3.22 8.73
C ILE B 172 -13.97 -2.01 7.84
N GLY B 173 -12.88 -1.31 8.14
CA GLY B 173 -12.48 -0.14 7.37
C GLY B 173 -12.84 1.23 7.94
N LEU B 174 -13.57 1.27 9.05
CA LEU B 174 -13.97 2.53 9.67
C LEU B 174 -12.84 3.54 9.78
N ARG B 175 -13.14 4.79 9.44
CA ARG B 175 -12.15 5.85 9.51
C ARG B 175 -12.76 7.27 9.49
N ASP B 176 -14.09 7.32 9.50
CA ASP B 176 -14.82 8.59 9.46
C ASP B 176 -16.11 8.38 10.25
N VAL B 177 -15.97 8.41 11.58
CA VAL B 177 -17.08 8.21 12.51
C VAL B 177 -17.45 9.46 13.28
N ASP B 178 -18.74 9.72 13.41
CA ASP B 178 -19.17 10.90 14.16
C ASP B 178 -19.09 10.68 15.66
N PRO B 179 -19.11 11.77 16.42
CA PRO B 179 -19.04 11.71 17.89
C PRO B 179 -20.16 10.80 18.42
N GLY B 180 -21.36 11.00 17.90
CA GLY B 180 -22.49 10.18 18.32
C GLY B 180 -22.34 8.74 17.88
N GLU B 181 -22.06 8.53 16.59
CA GLU B 181 -21.87 7.18 16.06
C GLU B 181 -20.82 6.45 16.89
N HIS B 182 -19.78 7.19 17.24
CA HIS B 182 -18.69 6.62 18.00
C HIS B 182 -19.17 6.30 19.40
N TYR B 183 -19.86 7.25 20.02
CA TYR B 183 -20.39 7.04 21.37
C TYR B 183 -21.20 5.76 21.39
N ILE B 184 -22.06 5.63 20.39
CA ILE B 184 -22.91 4.45 20.25
C ILE B 184 -22.15 3.12 20.10
N ILE B 185 -21.31 3.01 19.08
CA ILE B 185 -20.58 1.76 18.88
C ILE B 185 -19.77 1.36 20.10
N LYS B 186 -19.28 2.33 20.86
CA LYS B 186 -18.50 2.05 22.07
C LYS B 186 -19.45 1.64 23.20
N THR B 187 -20.56 2.38 23.33
CA THR B 187 -21.55 2.12 24.37
C THR B 187 -22.20 0.76 24.23
N LEU B 188 -22.34 0.28 22.99
CA LEU B 188 -22.98 -1.02 22.75
C LEU B 188 -22.00 -2.16 22.59
N GLY B 189 -20.72 -1.88 22.73
CA GLY B 189 -19.72 -2.93 22.60
C GLY B 189 -19.78 -3.64 21.26
N ILE B 190 -19.89 -2.87 20.19
CA ILE B 190 -19.93 -3.43 18.85
C ILE B 190 -18.51 -3.64 18.32
N LYS B 191 -18.18 -4.89 18.01
CA LYS B 191 -16.86 -5.23 17.48
C LYS B 191 -16.59 -4.47 16.19
N TYR B 192 -15.38 -3.95 16.04
CA TYR B 192 -15.02 -3.24 14.82
C TYR B 192 -13.52 -3.18 14.61
N PHE B 193 -13.13 -3.09 13.34
CA PHE B 193 -11.73 -3.00 12.94
C PHE B 193 -11.55 -1.72 12.14
N SER B 194 -11.19 -0.63 12.81
CA SER B 194 -11.01 0.63 12.10
C SER B 194 -9.73 0.50 11.28
N MET B 195 -9.43 1.49 10.46
CA MET B 195 -8.21 1.41 9.66
C MET B 195 -7.02 1.28 10.60
N THR B 196 -7.15 1.76 11.83
CA THR B 196 -6.02 1.67 12.75
C THR B 196 -5.74 0.22 13.13
N GLU B 197 -6.81 -0.57 13.31
CA GLU B 197 -6.66 -1.98 13.66
C GLU B 197 -6.09 -2.76 12.48
N VAL B 198 -6.57 -2.45 11.27
CA VAL B 198 -6.10 -3.13 10.08
C VAL B 198 -4.60 -2.84 9.92
N ASP B 199 -4.20 -1.62 10.24
CA ASP B 199 -2.80 -1.28 10.12
C ASP B 199 -2.01 -2.14 11.09
N LYS B 200 -2.51 -2.20 12.32
CA LYS B 200 -1.88 -2.95 13.41
C LYS B 200 -1.83 -4.44 13.17
N LEU B 201 -2.97 -5.02 12.83
CA LEU B 201 -3.05 -6.44 12.61
C LEU B 201 -2.69 -6.89 11.22
N GLY B 202 -3.13 -6.13 10.23
CA GLY B 202 -2.89 -6.50 8.85
C GLY B 202 -4.18 -7.23 8.48
N ILE B 203 -4.73 -6.94 7.31
CA ILE B 203 -5.99 -7.58 6.89
C ILE B 203 -6.01 -9.11 7.12
N GLY B 204 -4.84 -9.74 7.10
CA GLY B 204 -4.79 -11.18 7.34
C GLY B 204 -5.36 -11.56 8.70
N LYS B 205 -4.79 -11.00 9.76
CA LYS B 205 -5.26 -11.29 11.11
C LYS B 205 -6.64 -10.68 11.35
N VAL B 206 -6.92 -9.57 10.68
CA VAL B 206 -8.21 -8.91 10.81
C VAL B 206 -9.34 -9.89 10.48
N MET B 207 -9.26 -10.50 9.30
CA MET B 207 -10.29 -11.45 8.87
C MET B 207 -10.33 -12.65 9.81
N GLU B 208 -9.16 -12.98 10.33
CA GLU B 208 -9.03 -14.09 11.25
C GLU B 208 -9.88 -13.85 12.49
N GLU B 209 -9.72 -12.66 13.07
CA GLU B 209 -10.47 -12.29 14.27
C GLU B 209 -11.96 -12.13 14.06
N THR B 210 -12.37 -11.55 12.93
CA THR B 210 -13.79 -11.36 12.70
C THR B 210 -14.52 -12.69 12.53
N PHE B 211 -13.84 -13.70 12.00
CA PHE B 211 -14.50 -14.98 11.84
C PHE B 211 -14.62 -15.72 13.17
N SER B 212 -13.61 -15.55 14.03
CA SER B 212 -13.63 -16.21 15.33
C SER B 212 -14.64 -15.53 16.25
N TYR B 213 -14.86 -14.25 16.02
CA TYR B 213 -15.82 -13.50 16.81
C TYR B 213 -17.24 -13.89 16.40
N LEU B 214 -17.52 -13.82 15.09
CA LEU B 214 -18.83 -14.14 14.57
C LEU B 214 -19.16 -15.62 14.39
N LEU B 215 -18.15 -16.43 14.08
CA LEU B 215 -18.39 -17.87 13.86
C LEU B 215 -17.75 -18.75 14.93
N GLY B 216 -17.28 -18.11 16.01
CA GLY B 216 -16.63 -18.84 17.10
C GLY B 216 -17.46 -19.95 17.71
N ARG B 217 -18.66 -19.60 18.19
CA ARG B 217 -19.53 -20.59 18.80
C ARG B 217 -20.28 -21.38 17.74
N LYS B 218 -21.18 -20.71 17.03
CA LYS B 218 -21.97 -21.37 15.99
C LYS B 218 -21.56 -20.91 14.60
N LYS B 219 -21.89 -21.74 13.59
CA LYS B 219 -21.58 -21.43 12.21
C LYS B 219 -22.89 -20.99 11.54
N ARG B 220 -23.10 -19.68 11.42
CA ARG B 220 -24.32 -19.15 10.81
C ARG B 220 -24.07 -18.46 9.46
N PRO B 221 -25.16 -18.06 8.77
CA PRO B 221 -25.07 -17.37 7.47
C PRO B 221 -24.44 -15.99 7.56
N ILE B 222 -23.78 -15.59 6.48
CA ILE B 222 -23.11 -14.31 6.40
C ILE B 222 -23.74 -13.31 5.44
N HIS B 223 -23.96 -12.10 5.94
CA HIS B 223 -24.50 -11.03 5.12
C HIS B 223 -23.42 -9.98 5.00
N LEU B 224 -22.69 -10.00 3.89
CA LEU B 224 -21.64 -9.03 3.63
C LEU B 224 -22.25 -7.79 2.98
N SER B 225 -22.25 -6.67 3.70
CA SER B 225 -22.80 -5.43 3.17
C SER B 225 -21.58 -4.60 2.83
N PHE B 226 -21.22 -4.55 1.55
CA PHE B 226 -20.03 -3.82 1.16
C PHE B 226 -20.25 -2.42 0.59
N ASP B 227 -19.80 -1.41 1.33
CA ASP B 227 -19.83 -0.03 0.87
C ASP B 227 -18.54 0.20 0.14
N VAL B 228 -18.61 0.39 -1.18
CA VAL B 228 -17.41 0.59 -1.97
C VAL B 228 -16.55 1.71 -1.37
N ASP B 229 -16.95 2.28 -0.26
CA ASP B 229 -16.14 3.34 0.33
C ASP B 229 -15.47 2.84 1.58
N GLY B 230 -15.27 1.58 1.54
CA GLY B 230 -14.49 0.99 2.56
C GLY B 230 -13.09 1.05 1.97
N LEU B 231 -13.00 1.29 0.62
CA LEU B 231 -11.66 1.30 0.06
C LEU B 231 -11.27 2.75 -0.14
N ASP B 232 -9.99 2.96 -0.45
CA ASP B 232 -9.44 4.28 -0.69
C ASP B 232 -9.91 4.89 -2.03
N PRO B 233 -10.18 6.22 -2.04
CA PRO B 233 -10.64 6.93 -3.23
C PRO B 233 -9.82 6.63 -4.48
N VAL B 234 -8.60 6.15 -4.29
CA VAL B 234 -7.74 5.82 -5.41
C VAL B 234 -8.24 4.55 -6.11
N PHE B 235 -9.11 3.81 -5.45
CA PHE B 235 -9.64 2.58 -6.05
C PHE B 235 -11.11 2.72 -6.42
N THR B 236 -11.84 3.45 -5.59
CA THR B 236 -13.27 3.65 -5.80
C THR B 236 -13.62 5.11 -5.64
N PRO B 237 -13.02 5.98 -6.47
CA PRO B 237 -13.28 7.42 -6.39
C PRO B 237 -14.74 7.82 -6.57
N ALA B 238 -15.43 7.20 -7.52
CA ALA B 238 -16.83 7.52 -7.80
C ALA B 238 -17.81 7.08 -6.70
N THR B 239 -17.85 7.86 -5.62
CA THR B 239 -18.74 7.61 -4.49
C THR B 239 -19.07 8.93 -3.83
N GLY B 240 -20.20 8.95 -3.14
CA GLY B 240 -20.65 10.15 -2.48
C GLY B 240 -19.83 10.67 -1.33
N THR B 241 -19.26 9.79 -0.52
CA THR B 241 -18.47 10.22 0.61
C THR B 241 -17.09 9.56 0.69
N PRO B 242 -16.20 9.92 -0.24
CA PRO B 242 -14.84 9.35 -0.24
C PRO B 242 -14.05 9.84 0.96
N VAL B 243 -13.15 8.98 1.47
CA VAL B 243 -12.33 9.34 2.62
C VAL B 243 -10.94 8.74 2.46
N VAL B 244 -9.92 9.55 2.63
CA VAL B 244 -8.56 9.04 2.45
C VAL B 244 -8.10 8.07 3.52
N GLY B 245 -7.10 7.27 3.15
CA GLY B 245 -6.53 6.27 4.05
C GLY B 245 -7.38 5.03 4.20
N GLY B 246 -8.04 4.60 3.13
CA GLY B 246 -8.88 3.43 3.24
C GLY B 246 -8.27 2.08 2.91
N LEU B 247 -9.15 1.10 2.73
CA LEU B 247 -8.73 -0.26 2.39
C LEU B 247 -8.19 -0.24 0.99
N SER B 248 -7.17 -1.06 0.75
CA SER B 248 -6.57 -1.12 -0.56
C SER B 248 -7.36 -2.07 -1.45
N TYR B 249 -7.11 -1.98 -2.75
CA TYR B 249 -7.77 -2.86 -3.70
C TYR B 249 -7.57 -4.30 -3.25
N ARG B 250 -6.35 -4.57 -2.81
CA ARG B 250 -5.92 -5.88 -2.34
C ARG B 250 -6.67 -6.37 -1.11
N GLU B 251 -6.75 -5.50 -0.11
CA GLU B 251 -7.44 -5.87 1.11
C GLU B 251 -8.90 -6.10 0.90
N GLY B 252 -9.48 -5.33 -0.02
CA GLY B 252 -10.87 -5.51 -0.35
C GLY B 252 -11.09 -6.91 -0.84
N LEU B 253 -10.31 -7.31 -1.85
CA LEU B 253 -10.40 -8.64 -2.42
C LEU B 253 -10.04 -9.71 -1.39
N TYR B 254 -9.03 -9.47 -0.59
CA TYR B 254 -8.69 -10.46 0.44
C TYR B 254 -9.91 -10.67 1.35
N ILE B 255 -10.60 -9.60 1.67
CA ILE B 255 -11.78 -9.70 2.51
C ILE B 255 -12.80 -10.63 1.86
N THR B 256 -13.07 -10.45 0.57
CA THR B 256 -14.05 -11.26 -0.14
C THR B 256 -13.70 -12.72 -0.44
N GLU B 257 -12.41 -13.00 -0.60
CA GLU B 257 -11.97 -14.37 -0.89
C GLU B 257 -12.03 -15.26 0.36
N GLU B 258 -11.92 -14.63 1.52
CA GLU B 258 -11.99 -15.30 2.80
C GLU B 258 -13.45 -15.65 3.08
N ILE B 259 -14.29 -14.64 3.00
CA ILE B 259 -15.71 -14.85 3.20
C ILE B 259 -16.17 -15.92 2.22
N TYR B 260 -15.55 -15.98 1.07
CA TYR B 260 -15.95 -17.02 0.12
C TYR B 260 -15.62 -18.39 0.70
N LYS B 261 -14.41 -18.51 1.23
CA LYS B 261 -13.92 -19.77 1.81
C LYS B 261 -14.72 -20.31 2.99
N THR B 262 -15.37 -19.42 3.73
CA THR B 262 -16.17 -19.84 4.88
C THR B 262 -17.38 -20.67 4.43
N GLY B 263 -17.67 -20.60 3.14
CA GLY B 263 -18.81 -21.32 2.60
C GLY B 263 -20.10 -20.86 3.25
N LEU B 264 -20.08 -19.71 3.93
CA LEU B 264 -21.28 -19.20 4.61
C LEU B 264 -21.90 -17.93 4.02
N LEU B 265 -21.38 -17.45 2.89
CA LEU B 265 -21.97 -16.26 2.30
C LEU B 265 -23.41 -16.56 1.89
N SER B 266 -24.33 -15.80 2.47
CA SER B 266 -25.75 -15.97 2.23
C SER B 266 -26.32 -14.74 1.50
N GLY B 267 -25.83 -13.55 1.86
CA GLY B 267 -26.29 -12.32 1.26
C GLY B 267 -25.20 -11.27 1.10
N LEU B 268 -25.24 -10.55 -0.02
CA LEU B 268 -24.23 -9.54 -0.31
C LEU B 268 -24.85 -8.25 -0.82
N ASP B 269 -24.23 -7.13 -0.45
CA ASP B 269 -24.64 -5.82 -0.92
C ASP B 269 -23.42 -5.14 -1.49
N ILE B 270 -23.59 -4.48 -2.62
CA ILE B 270 -22.51 -3.72 -3.24
C ILE B 270 -23.13 -2.36 -3.41
N MET B 271 -22.85 -1.45 -2.47
CA MET B 271 -23.45 -0.13 -2.50
C MET B 271 -22.54 1.06 -2.73
N GLU B 272 -23.18 2.22 -2.88
CA GLU B 272 -22.52 3.50 -3.09
C GLU B 272 -21.72 3.73 -4.36
N VAL B 273 -21.89 2.88 -5.35
CA VAL B 273 -21.19 3.09 -6.61
C VAL B 273 -22.00 4.15 -7.36
N ASN B 274 -21.45 5.35 -7.43
CA ASN B 274 -22.10 6.47 -8.10
C ASN B 274 -21.31 6.83 -9.36
N PRO B 275 -21.84 6.51 -10.55
CA PRO B 275 -21.12 6.82 -11.80
C PRO B 275 -21.03 8.31 -12.12
N THR B 276 -21.90 9.11 -11.50
CA THR B 276 -21.91 10.55 -11.76
C THR B 276 -20.92 11.35 -10.93
N LEU B 277 -20.04 10.66 -10.20
CA LEU B 277 -19.08 11.36 -9.36
C LEU B 277 -17.62 11.19 -9.76
N GLY B 278 -17.40 10.47 -10.85
CA GLY B 278 -16.03 10.30 -11.30
C GLY B 278 -15.52 11.51 -12.06
N LYS B 279 -14.51 12.18 -11.50
CA LYS B 279 -13.92 13.35 -12.14
C LYS B 279 -13.52 13.05 -13.59
N THR B 280 -13.40 11.76 -13.90
CA THR B 280 -13.05 11.34 -15.24
C THR B 280 -13.63 9.96 -15.50
N PRO B 281 -13.89 9.64 -16.78
CA PRO B 281 -14.45 8.35 -17.17
C PRO B 281 -13.56 7.20 -16.65
N GLU B 282 -12.29 7.49 -16.43
CA GLU B 282 -11.39 6.47 -15.92
C GLU B 282 -11.77 6.17 -14.46
N GLU B 283 -12.10 7.22 -13.72
CA GLU B 283 -12.46 7.06 -12.32
C GLU B 283 -13.74 6.25 -12.15
N VAL B 284 -14.73 6.49 -13.01
CA VAL B 284 -15.99 5.75 -12.93
C VAL B 284 -15.73 4.30 -13.32
N THR B 285 -14.97 4.12 -14.39
CA THR B 285 -14.63 2.79 -14.85
C THR B 285 -13.94 2.08 -13.70
N ARG B 286 -12.92 2.76 -13.17
CA ARG B 286 -12.12 2.23 -12.07
C ARG B 286 -13.01 1.75 -10.91
N THR B 287 -13.99 2.56 -10.53
CA THR B 287 -14.89 2.20 -9.45
C THR B 287 -15.67 0.95 -9.85
N VAL B 288 -16.41 1.04 -10.94
CA VAL B 288 -17.22 -0.09 -11.40
C VAL B 288 -16.42 -1.39 -11.46
N ASN B 289 -15.24 -1.35 -12.07
CA ASN B 289 -14.41 -2.55 -12.19
C ASN B 289 -14.06 -3.23 -10.87
N THR B 290 -13.52 -2.50 -9.90
CA THR B 290 -13.17 -3.15 -8.65
C THR B 290 -14.42 -3.60 -7.90
N ALA B 291 -15.54 -2.89 -8.08
CA ALA B 291 -16.78 -3.29 -7.43
C ALA B 291 -17.25 -4.62 -8.01
N VAL B 292 -16.91 -4.84 -9.28
CA VAL B 292 -17.30 -6.10 -9.92
C VAL B 292 -16.38 -7.19 -9.39
N ALA B 293 -15.09 -6.89 -9.36
CA ALA B 293 -14.10 -7.84 -8.87
C ALA B 293 -14.45 -8.30 -7.45
N LEU B 294 -14.92 -7.38 -6.61
CA LEU B 294 -15.31 -7.71 -5.23
C LEU B 294 -16.43 -8.73 -5.24
N THR B 295 -17.38 -8.52 -6.13
CA THR B 295 -18.50 -9.43 -6.24
C THR B 295 -18.04 -10.79 -6.75
N LEU B 296 -17.35 -10.80 -7.88
CA LEU B 296 -16.89 -12.06 -8.42
C LEU B 296 -16.09 -12.82 -7.37
N SER B 297 -15.23 -12.10 -6.64
CA SER B 297 -14.40 -12.68 -5.60
C SER B 297 -15.25 -13.35 -4.56
N ALA B 298 -16.18 -12.60 -4.00
CA ALA B 298 -17.08 -13.12 -2.99
C ALA B 298 -17.57 -14.50 -3.42
N PHE B 299 -17.96 -14.61 -4.68
CA PHE B 299 -18.47 -15.89 -5.18
C PHE B 299 -17.47 -16.92 -5.75
N GLY B 300 -16.24 -16.92 -5.23
CA GLY B 300 -15.29 -17.92 -5.67
C GLY B 300 -14.06 -17.56 -6.48
N THR B 301 -14.14 -16.47 -7.22
CA THR B 301 -13.03 -16.03 -8.02
C THR B 301 -11.78 -15.84 -7.15
N LYS B 302 -10.70 -16.52 -7.53
CA LYS B 302 -9.45 -16.44 -6.77
C LYS B 302 -8.31 -15.79 -7.56
N ARG B 303 -7.49 -15.00 -6.88
CA ARG B 303 -6.38 -14.32 -7.53
C ARG B 303 -5.29 -15.32 -7.93
N GLU B 304 -5.22 -16.46 -7.25
CA GLU B 304 -4.22 -17.48 -7.58
C GLU B 304 -4.65 -18.24 -8.83
N GLY B 305 -5.88 -18.03 -9.23
CA GLY B 305 -6.41 -18.69 -10.41
C GLY B 305 -7.58 -19.59 -10.05
N ASN B 306 -8.33 -19.98 -11.07
CA ASN B 306 -9.48 -20.85 -10.92
C ASN B 306 -9.53 -21.79 -12.12
N HIS B 307 -9.97 -23.03 -11.90
CA HIS B 307 -10.12 -23.98 -13.00
C HIS B 307 -11.27 -24.93 -12.70
N LYS B 308 -11.91 -25.41 -13.77
CA LYS B 308 -13.06 -26.29 -13.67
C LYS B 308 -12.70 -27.71 -13.24
N PRO B 309 -13.54 -28.33 -12.39
CA PRO B 309 -13.33 -29.69 -11.90
C PRO B 309 -13.53 -30.72 -13.00
N GLU B 310 -12.83 -31.85 -12.89
CA GLU B 310 -12.94 -32.94 -13.87
C GLU B 310 -12.40 -32.61 -15.26
N THR B 311 -11.79 -31.45 -15.42
CA THR B 311 -11.25 -31.08 -16.72
C THR B 311 -9.74 -31.25 -16.72
N ASP B 312 -9.28 -32.22 -17.50
CA ASP B 312 -7.86 -32.48 -17.62
C ASP B 312 -7.34 -31.59 -18.73
N TYR B 313 -6.77 -30.45 -18.34
CA TYR B 313 -6.25 -29.48 -19.29
C TYR B 313 -5.02 -29.94 -20.08
N LEU B 314 -4.43 -31.06 -19.69
CA LEU B 314 -3.25 -31.57 -20.37
C LEU B 314 -3.58 -32.73 -21.31
N LYS C 1 32.73 -10.99 -6.30
CA LYS C 1 32.02 -11.84 -7.30
C LYS C 1 31.81 -11.10 -8.62
N PRO C 2 31.71 -11.84 -9.74
CA PRO C 2 31.52 -11.23 -11.07
C PRO C 2 30.08 -11.14 -11.58
N ILE C 3 29.79 -10.05 -12.28
CA ILE C 3 28.47 -9.82 -12.86
C ILE C 3 28.63 -9.64 -14.36
N GLU C 4 27.76 -10.30 -15.14
CA GLU C 4 27.82 -10.20 -16.60
C GLU C 4 26.48 -9.81 -17.19
N ILE C 5 26.35 -8.57 -17.64
CA ILE C 5 25.12 -8.10 -18.24
C ILE C 5 24.95 -8.71 -19.62
N ILE C 6 23.75 -9.17 -19.92
CA ILE C 6 23.45 -9.78 -21.22
C ILE C 6 22.08 -9.27 -21.66
N GLY C 7 22.07 -8.45 -22.71
CA GLY C 7 20.80 -7.92 -23.19
C GLY C 7 20.11 -8.89 -24.13
N ALA C 8 18.80 -9.06 -23.96
CA ALA C 8 18.03 -9.95 -24.81
C ALA C 8 16.87 -9.19 -25.46
N PRO C 9 17.19 -8.27 -26.40
CA PRO C 9 16.18 -7.46 -27.11
C PRO C 9 15.30 -8.30 -28.02
N PHE C 10 14.44 -9.11 -27.40
CA PHE C 10 13.55 -9.99 -28.12
C PHE C 10 12.09 -9.72 -27.79
N SER C 11 11.24 -9.74 -28.80
CA SER C 11 9.82 -9.46 -28.59
C SER C 11 8.85 -10.43 -29.24
N LYS C 12 9.35 -11.46 -29.92
CA LYS C 12 8.47 -12.41 -30.57
C LYS C 12 7.62 -13.28 -29.64
N GLY C 13 7.83 -13.13 -28.33
CA GLY C 13 7.05 -13.92 -27.38
C GLY C 13 5.68 -13.31 -27.17
N CYS C 14 5.57 -12.03 -27.50
CA CYS C 14 4.32 -11.30 -27.37
C CYS C 14 4.08 -10.53 -28.66
N PRO C 15 2.81 -10.44 -29.11
CA PRO C 15 2.46 -9.72 -30.35
C PRO C 15 2.80 -8.24 -30.29
N ARG C 16 2.84 -7.68 -29.09
CA ARG C 16 3.17 -6.27 -28.90
C ARG C 16 4.68 -6.12 -29.02
N GLY C 17 5.12 -5.23 -29.90
CA GLY C 17 6.54 -5.00 -30.06
C GLY C 17 6.93 -3.89 -29.10
N GLY C 18 8.22 -3.81 -28.75
CA GLY C 18 8.65 -2.76 -27.86
C GLY C 18 9.57 -3.22 -26.77
N VAL C 19 9.27 -4.39 -26.21
CA VAL C 19 10.10 -4.94 -25.14
C VAL C 19 11.56 -5.12 -25.55
N GLU C 20 11.84 -5.10 -26.85
CA GLU C 20 13.21 -5.26 -27.34
C GLU C 20 14.01 -4.01 -27.02
N LYS C 21 13.31 -2.89 -26.86
CA LYS C 21 13.94 -1.63 -26.54
C LYS C 21 14.26 -1.53 -25.05
N GLY C 22 13.77 -2.52 -24.29
CA GLY C 22 13.99 -2.56 -22.86
C GLY C 22 15.44 -2.49 -22.45
N PRO C 23 16.32 -3.34 -23.01
CA PRO C 23 17.74 -3.28 -22.62
C PRO C 23 18.30 -1.87 -22.72
N ALA C 24 17.97 -1.19 -23.82
CA ALA C 24 18.44 0.17 -24.07
C ALA C 24 18.07 1.09 -22.92
N ALA C 25 16.76 1.20 -22.69
CA ALA C 25 16.20 2.03 -21.64
C ALA C 25 16.94 1.79 -20.32
N LEU C 26 17.19 0.53 -20.01
CA LEU C 26 17.86 0.15 -18.78
C LEU C 26 19.32 0.61 -18.77
N ARG C 27 20.06 0.30 -19.83
CA ARG C 27 21.45 0.73 -19.89
C ARG C 27 21.44 2.25 -19.85
N LYS C 28 20.56 2.83 -20.67
CA LYS C 28 20.41 4.29 -20.79
C LYS C 28 20.11 4.95 -19.46
N ALA C 29 19.56 4.16 -18.53
CA ALA C 29 19.20 4.68 -17.22
C ALA C 29 20.40 4.70 -16.29
N GLY C 30 21.51 4.10 -16.72
CA GLY C 30 22.72 4.06 -15.90
C GLY C 30 22.95 2.75 -15.16
N LEU C 31 22.22 1.71 -15.56
CA LEU C 31 22.33 0.40 -14.93
C LEU C 31 23.77 -0.09 -14.76
N VAL C 32 24.49 -0.24 -15.88
CA VAL C 32 25.87 -0.72 -15.83
C VAL C 32 26.78 0.14 -14.94
N GLU C 33 26.69 1.47 -15.08
CA GLU C 33 27.50 2.38 -14.28
C GLU C 33 27.15 2.26 -12.80
N LYS C 34 25.85 2.32 -12.50
CA LYS C 34 25.37 2.20 -11.14
C LYS C 34 25.80 0.86 -10.54
N LEU C 35 25.62 -0.22 -11.29
CA LEU C 35 26.02 -1.53 -10.79
C LEU C 35 27.49 -1.52 -10.37
N LYS C 36 28.34 -1.01 -11.25
CA LYS C 36 29.77 -0.96 -10.98
C LYS C 36 30.12 -0.33 -9.64
N GLU C 37 29.20 0.48 -9.10
CA GLU C 37 29.45 1.14 -7.81
C GLU C 37 29.19 0.16 -6.67
N THR C 38 28.88 -1.09 -7.01
CA THR C 38 28.62 -2.11 -6.00
C THR C 38 29.85 -2.95 -5.71
N GLU C 39 29.75 -3.78 -4.68
CA GLU C 39 30.83 -4.66 -4.26
C GLU C 39 31.06 -5.73 -5.31
N TYR C 40 30.54 -5.48 -6.51
CA TYR C 40 30.66 -6.44 -7.61
C TYR C 40 31.52 -5.97 -8.78
N ASN C 41 31.87 -6.92 -9.62
CA ASN C 41 32.67 -6.67 -10.80
C ASN C 41 31.74 -6.83 -12.00
N VAL C 42 31.47 -5.71 -12.67
CA VAL C 42 30.55 -5.71 -13.79
C VAL C 42 31.19 -5.76 -15.17
N ARG C 43 30.66 -6.63 -16.02
CA ARG C 43 31.10 -6.77 -17.41
C ARG C 43 29.85 -6.78 -18.27
N ASP C 44 29.85 -5.99 -19.34
CA ASP C 44 28.69 -5.91 -20.22
C ASP C 44 28.96 -6.73 -21.46
N HIS C 45 28.15 -7.76 -21.67
CA HIS C 45 28.34 -8.63 -22.83
C HIS C 45 27.65 -8.02 -24.06
N GLY C 46 26.95 -6.91 -23.88
CA GLY C 46 26.27 -6.26 -24.99
C GLY C 46 24.93 -6.93 -25.27
N ASP C 47 24.17 -6.43 -26.24
CA ASP C 47 22.88 -7.04 -26.56
C ASP C 47 23.05 -8.09 -27.64
N LEU C 48 22.52 -9.28 -27.40
CA LEU C 48 22.62 -10.37 -28.38
C LEU C 48 21.91 -10.03 -29.68
N ALA C 49 22.53 -10.40 -30.80
CA ALA C 49 21.95 -10.16 -32.12
C ALA C 49 21.19 -11.42 -32.54
N PHE C 50 19.87 -11.35 -32.50
CA PHE C 50 19.04 -12.52 -32.85
C PHE C 50 18.65 -12.59 -34.32
N VAL C 51 19.04 -13.68 -34.98
CA VAL C 51 18.73 -13.87 -36.39
C VAL C 51 17.26 -14.26 -36.53
N ASP C 52 16.55 -13.56 -37.42
CA ASP C 52 15.14 -13.85 -37.62
C ASP C 52 15.01 -15.07 -38.52
N VAL C 53 14.08 -15.95 -38.18
CA VAL C 53 13.84 -17.15 -38.97
C VAL C 53 12.72 -16.86 -39.96
N PRO C 54 13.08 -16.57 -41.22
CA PRO C 54 12.11 -16.27 -42.28
C PRO C 54 11.04 -17.33 -42.46
N ASN C 55 9.88 -16.92 -42.98
CA ASN C 55 8.76 -17.82 -43.19
C ASN C 55 8.55 -18.65 -41.93
N ASP C 56 8.63 -18.00 -40.78
CA ASP C 56 8.47 -18.66 -39.50
C ASP C 56 6.97 -18.89 -39.24
N SER C 57 6.39 -19.84 -39.95
CA SER C 57 4.96 -20.16 -39.79
C SER C 57 4.66 -20.54 -38.35
N PRO C 58 3.42 -20.30 -37.91
CA PRO C 58 2.99 -20.62 -36.55
C PRO C 58 2.70 -22.10 -36.34
N PHE C 59 3.20 -22.66 -35.25
CA PHE C 59 2.94 -24.06 -34.96
C PHE C 59 1.58 -24.12 -34.27
N GLN C 60 0.56 -24.52 -35.03
CA GLN C 60 -0.78 -24.58 -34.50
C GLN C 60 -1.16 -23.16 -34.10
N ILE C 61 -1.13 -22.86 -32.81
CA ILE C 61 -1.47 -21.51 -32.36
C ILE C 61 -0.16 -20.75 -32.08
N VAL C 62 0.81 -21.46 -31.51
CA VAL C 62 2.11 -20.89 -31.18
C VAL C 62 2.60 -19.97 -32.29
N LYS C 63 2.99 -18.77 -31.90
CA LYS C 63 3.47 -17.78 -32.85
C LYS C 63 4.98 -17.64 -32.79
N ASN C 64 5.60 -17.41 -33.96
CA ASN C 64 7.04 -17.25 -34.07
C ASN C 64 7.81 -18.33 -33.32
N PRO C 65 7.38 -19.60 -33.44
CA PRO C 65 8.09 -20.66 -32.73
C PRO C 65 9.59 -20.70 -33.01
N ARG C 66 9.95 -20.97 -34.25
CA ARG C 66 11.35 -21.07 -34.66
C ARG C 66 12.17 -19.85 -34.28
N SER C 67 11.58 -18.67 -34.36
CA SER C 67 12.28 -17.43 -34.03
C SER C 67 12.58 -17.31 -32.54
N VAL C 68 11.61 -17.74 -31.73
CA VAL C 68 11.75 -17.72 -30.28
C VAL C 68 12.75 -18.82 -29.92
N GLY C 69 12.48 -20.02 -30.45
CA GLY C 69 13.34 -21.17 -30.20
C GLY C 69 14.82 -20.89 -30.43
N LYS C 70 15.13 -20.37 -31.61
CA LYS C 70 16.51 -20.06 -31.97
C LYS C 70 17.12 -18.98 -31.08
N ALA C 71 16.36 -17.94 -30.77
CA ALA C 71 16.87 -16.85 -29.94
C ALA C 71 17.24 -17.39 -28.55
N ASN C 72 16.37 -18.24 -28.00
CA ASN C 72 16.62 -18.84 -26.70
C ASN C 72 17.84 -19.74 -26.70
N GLU C 73 17.94 -20.61 -27.71
CA GLU C 73 19.07 -21.51 -27.82
C GLU C 73 20.37 -20.71 -27.77
N GLN C 74 20.35 -19.52 -28.37
CA GLN C 74 21.52 -18.68 -28.37
C GLN C 74 21.72 -18.08 -27.00
N LEU C 75 20.62 -17.79 -26.30
CA LEU C 75 20.71 -17.21 -24.97
C LEU C 75 21.23 -18.25 -23.98
N ALA C 76 20.68 -19.46 -24.08
CA ALA C 76 21.08 -20.54 -23.21
C ALA C 76 22.59 -20.75 -23.34
N ALA C 77 23.07 -20.68 -24.57
CA ALA C 77 24.50 -20.85 -24.83
C ALA C 77 25.28 -19.78 -24.11
N VAL C 78 24.98 -18.52 -24.43
CA VAL C 78 25.68 -17.40 -23.80
C VAL C 78 25.72 -17.54 -22.29
N VAL C 79 24.53 -17.60 -21.68
CA VAL C 79 24.43 -17.72 -20.23
C VAL C 79 25.24 -18.92 -19.68
N ALA C 80 25.04 -20.08 -20.31
CA ALA C 80 25.74 -21.29 -19.89
C ALA C 80 27.23 -21.03 -19.84
N GLU C 81 27.70 -20.14 -20.70
CA GLU C 81 29.11 -19.83 -20.78
C GLU C 81 29.58 -18.97 -19.61
N THR C 82 28.84 -17.91 -19.31
CA THR C 82 29.27 -17.07 -18.21
C THR C 82 29.14 -17.88 -16.95
N GLN C 83 28.11 -18.71 -16.88
CA GLN C 83 27.92 -19.51 -15.69
C GLN C 83 29.15 -20.40 -15.52
N LYS C 84 29.69 -20.88 -16.62
CA LYS C 84 30.89 -21.72 -16.60
C LYS C 84 32.09 -20.97 -16.04
N ASN C 85 32.10 -19.66 -16.18
CA ASN C 85 33.21 -18.88 -15.64
C ASN C 85 32.87 -18.38 -14.24
N GLY C 86 31.91 -19.05 -13.63
CA GLY C 86 31.46 -18.73 -12.28
C GLY C 86 31.02 -17.30 -12.04
N THR C 87 30.68 -16.57 -13.10
CA THR C 87 30.22 -15.19 -12.91
C THR C 87 28.69 -15.21 -12.83
N ILE C 88 28.11 -14.20 -12.20
CA ILE C 88 26.67 -14.11 -12.08
C ILE C 88 26.13 -13.46 -13.35
N SER C 89 25.13 -14.10 -13.97
CA SER C 89 24.53 -13.58 -15.20
C SER C 89 23.27 -12.74 -14.97
N VAL C 90 23.17 -11.65 -15.72
CA VAL C 90 22.04 -10.75 -15.63
C VAL C 90 21.46 -10.54 -17.01
N VAL C 91 20.27 -11.06 -17.25
CA VAL C 91 19.64 -10.91 -18.56
C VAL C 91 18.62 -9.79 -18.55
N LEU C 92 18.89 -8.75 -19.33
CA LEU C 92 17.99 -7.61 -19.44
C LEU C 92 17.32 -7.90 -20.76
N GLY C 93 16.02 -8.17 -20.76
CA GLY C 93 15.45 -8.47 -22.04
C GLY C 93 14.17 -7.77 -22.42
N GLY C 94 13.43 -8.48 -23.27
CA GLY C 94 12.15 -8.05 -23.75
C GLY C 94 11.16 -8.97 -23.07
N ASP C 95 10.43 -9.74 -23.85
CA ASP C 95 9.42 -10.64 -23.30
C ASP C 95 10.04 -11.77 -22.51
N HIS C 96 9.23 -12.33 -21.62
CA HIS C 96 9.65 -13.39 -20.69
C HIS C 96 10.02 -14.73 -21.31
N SER C 97 9.71 -14.94 -22.59
CA SER C 97 10.06 -16.21 -23.22
C SER C 97 11.56 -16.46 -23.16
N MET C 98 12.35 -15.41 -22.97
CA MET C 98 13.82 -15.54 -22.88
C MET C 98 14.23 -16.23 -21.59
N ALA C 99 13.26 -16.44 -20.72
CA ALA C 99 13.51 -17.11 -19.45
C ALA C 99 13.87 -18.56 -19.81
N ILE C 100 13.32 -19.02 -20.93
CA ILE C 100 13.61 -20.37 -21.39
C ILE C 100 15.11 -20.54 -21.48
N GLY C 101 15.74 -19.75 -22.35
CA GLY C 101 17.17 -19.81 -22.52
C GLY C 101 18.01 -19.39 -21.33
N SER C 102 17.58 -18.36 -20.62
CA SER C 102 18.32 -17.88 -19.44
C SER C 102 18.49 -18.99 -18.38
N ILE C 103 17.41 -19.71 -18.11
CA ILE C 103 17.43 -20.79 -17.13
C ILE C 103 18.04 -22.08 -17.70
N SER C 104 17.59 -22.49 -18.88
CA SER C 104 18.12 -23.67 -19.51
C SER C 104 19.62 -23.54 -19.60
N GLY C 105 20.11 -22.31 -19.75
CA GLY C 105 21.54 -22.07 -19.82
C GLY C 105 22.09 -22.24 -18.42
N HIS C 106 21.58 -21.43 -17.49
CA HIS C 106 21.98 -21.48 -16.09
C HIS C 106 22.00 -22.92 -15.56
N ALA C 107 21.00 -23.70 -15.95
CA ALA C 107 20.88 -25.08 -15.49
C ALA C 107 22.04 -25.96 -15.92
N ARG C 108 22.49 -25.82 -17.17
CA ARG C 108 23.61 -26.62 -17.66
C ARG C 108 24.83 -26.53 -16.73
N VAL C 109 24.98 -25.41 -16.04
CA VAL C 109 26.12 -25.23 -15.14
C VAL C 109 25.74 -25.44 -13.68
N HIS C 110 24.46 -25.26 -13.37
CA HIS C 110 23.95 -25.42 -12.01
C HIS C 110 22.59 -26.09 -12.07
N PRO C 111 22.58 -27.42 -12.22
CA PRO C 111 21.35 -28.22 -12.29
C PRO C 111 20.50 -28.23 -11.03
N ASP C 112 21.12 -27.91 -9.90
CA ASP C 112 20.42 -27.90 -8.64
C ASP C 112 19.86 -26.53 -8.29
N LEU C 113 19.82 -25.63 -9.28
CA LEU C 113 19.33 -24.28 -9.04
C LEU C 113 17.85 -24.21 -8.71
N ALA C 114 17.52 -23.27 -7.82
CA ALA C 114 16.15 -23.03 -7.41
C ALA C 114 15.70 -21.81 -8.21
N VAL C 115 14.39 -21.71 -8.46
CA VAL C 115 13.86 -20.58 -9.21
C VAL C 115 12.75 -19.87 -8.49
N ILE C 116 12.93 -18.56 -8.32
CA ILE C 116 11.94 -17.73 -7.68
C ILE C 116 11.40 -16.90 -8.82
N TRP C 117 10.15 -17.16 -9.17
CA TRP C 117 9.51 -16.47 -10.28
C TRP C 117 8.61 -15.33 -9.79
N VAL C 118 9.08 -14.10 -9.90
CA VAL C 118 8.26 -12.96 -9.49
C VAL C 118 7.54 -12.46 -10.75
N ASP C 119 6.22 -12.61 -10.77
CA ASP C 119 5.45 -12.26 -11.94
C ASP C 119 3.97 -12.20 -11.52
N ALA C 120 3.15 -11.53 -12.33
CA ALA C 120 1.72 -11.44 -12.06
C ALA C 120 1.03 -12.67 -12.65
N HIS C 121 1.76 -13.36 -13.52
CA HIS C 121 1.26 -14.54 -14.18
C HIS C 121 2.19 -15.72 -13.99
N THR C 122 1.64 -16.92 -14.14
CA THR C 122 2.40 -18.15 -14.02
C THR C 122 3.21 -18.43 -15.30
N ASP C 123 2.73 -17.94 -16.43
CA ASP C 123 3.43 -18.13 -17.70
C ASP C 123 3.70 -19.61 -17.98
N ILE C 124 2.79 -20.47 -17.53
CA ILE C 124 2.98 -21.90 -17.69
C ILE C 124 2.03 -22.57 -18.70
N ASN C 125 1.46 -21.75 -19.57
CA ASN C 125 0.56 -22.23 -20.62
C ASN C 125 1.28 -23.17 -21.59
N THR C 126 0.85 -24.40 -21.71
CA THR C 126 1.50 -25.30 -22.66
C THR C 126 0.92 -24.89 -24.01
N PRO C 127 1.64 -25.18 -25.10
CA PRO C 127 1.12 -24.81 -26.43
C PRO C 127 -0.30 -25.34 -26.70
N LEU C 128 -0.80 -26.26 -25.88
CA LEU C 128 -2.12 -26.81 -26.08
C LEU C 128 -3.18 -26.08 -25.24
N THR C 129 -2.73 -25.33 -24.24
CA THR C 129 -3.66 -24.61 -23.38
C THR C 129 -3.75 -23.10 -23.64
N THR C 130 -2.83 -22.56 -24.45
CA THR C 130 -2.84 -21.13 -24.76
C THR C 130 -4.05 -20.65 -25.53
N SER C 131 -4.52 -19.46 -25.19
CA SER C 131 -5.68 -18.87 -25.89
C SER C 131 -5.09 -18.06 -27.04
N SER C 132 -3.80 -17.80 -26.92
CA SER C 132 -3.05 -17.06 -27.93
C SER C 132 -1.83 -17.92 -28.21
N GLY C 133 -1.04 -17.56 -29.22
CA GLY C 133 0.13 -18.36 -29.49
C GLY C 133 1.36 -17.73 -28.89
N ASN C 134 1.15 -16.77 -27.99
CA ASN C 134 2.26 -16.05 -27.38
C ASN C 134 3.10 -16.87 -26.41
N LEU C 135 4.32 -17.16 -26.84
CA LEU C 135 5.25 -17.95 -26.05
C LEU C 135 5.71 -17.26 -24.76
N ALA C 136 5.65 -15.94 -24.75
CA ALA C 136 6.04 -15.18 -23.57
C ALA C 136 5.24 -15.68 -22.38
N GLY C 137 4.09 -16.29 -22.66
CA GLY C 137 3.24 -16.80 -21.62
C GLY C 137 3.42 -18.29 -21.42
N GLN C 138 4.48 -18.88 -21.97
CA GLN C 138 4.70 -20.32 -21.83
C GLN C 138 6.10 -20.78 -21.38
N PRO C 139 6.99 -19.85 -21.01
CA PRO C 139 8.35 -20.24 -20.57
C PRO C 139 8.46 -21.45 -19.65
N VAL C 140 7.73 -21.41 -18.54
CA VAL C 140 7.78 -22.47 -17.57
C VAL C 140 7.34 -23.82 -18.13
N ALA C 141 6.36 -23.82 -19.02
CA ALA C 141 5.89 -25.08 -19.59
C ALA C 141 7.05 -25.76 -20.28
N PHE C 142 8.00 -24.96 -20.79
CA PHE C 142 9.15 -25.50 -21.49
C PHE C 142 10.28 -25.86 -20.55
N LEU C 143 10.27 -25.31 -19.35
CA LEU C 143 11.35 -25.59 -18.39
C LEU C 143 11.05 -26.75 -17.43
N LEU C 144 9.78 -27.07 -17.27
CA LEU C 144 9.40 -28.13 -16.34
C LEU C 144 9.61 -29.55 -16.84
N LYS C 145 10.07 -30.40 -15.92
CA LYS C 145 10.28 -31.80 -16.23
C LYS C 145 8.91 -32.49 -16.27
N GLU C 146 8.06 -32.18 -15.29
CA GLU C 146 6.74 -32.78 -15.19
C GLU C 146 5.81 -32.44 -16.34
N LEU C 147 6.23 -31.49 -17.18
CA LEU C 147 5.41 -31.07 -18.32
C LEU C 147 5.89 -31.62 -19.66
N LYS C 148 7.03 -32.31 -19.66
CA LYS C 148 7.56 -32.84 -20.89
C LYS C 148 6.69 -33.96 -21.46
N GLY C 149 6.39 -33.86 -22.75
CA GLY C 149 5.55 -34.86 -23.39
C GLY C 149 4.07 -34.55 -23.26
N LYS C 150 3.70 -33.68 -22.32
CA LYS C 150 2.30 -33.32 -22.09
C LYS C 150 1.80 -32.45 -23.24
N PHE C 151 2.73 -31.90 -24.02
CA PHE C 151 2.37 -31.07 -25.17
C PHE C 151 3.30 -31.38 -26.33
N PRO C 152 2.79 -31.26 -27.56
CA PRO C 152 3.56 -31.54 -28.78
C PRO C 152 4.83 -30.71 -28.94
N ASP C 153 5.92 -31.39 -29.33
CA ASP C 153 7.20 -30.73 -29.55
C ASP C 153 7.00 -29.57 -30.51
N VAL C 154 7.64 -28.44 -30.23
CA VAL C 154 7.52 -27.26 -31.06
C VAL C 154 8.78 -27.01 -31.88
N PRO C 155 8.60 -26.57 -33.13
CA PRO C 155 9.72 -26.29 -34.03
C PRO C 155 10.68 -25.26 -33.43
N GLY C 156 11.93 -25.65 -33.28
CA GLY C 156 12.94 -24.75 -32.73
C GLY C 156 13.28 -24.97 -31.27
N PHE C 157 12.47 -25.75 -30.58
CA PHE C 157 12.70 -26.02 -29.16
C PHE C 157 13.12 -27.46 -28.88
N SER C 158 13.80 -28.09 -29.82
CA SER C 158 14.23 -29.46 -29.62
C SER C 158 15.51 -29.51 -28.80
N TRP C 159 16.24 -28.39 -28.77
CA TRP C 159 17.49 -28.31 -28.03
C TRP C 159 17.21 -28.22 -26.53
N VAL C 160 16.00 -27.80 -26.19
CA VAL C 160 15.63 -27.63 -24.80
C VAL C 160 15.40 -28.93 -24.04
N THR C 161 15.88 -28.94 -22.80
CA THR C 161 15.70 -30.08 -21.92
C THR C 161 15.16 -29.52 -20.61
N PRO C 162 14.00 -30.01 -20.15
CA PRO C 162 13.43 -29.51 -18.89
C PRO C 162 14.53 -29.34 -17.85
N ALA C 163 14.76 -28.10 -17.43
CA ALA C 163 15.81 -27.78 -16.47
C ALA C 163 15.47 -28.01 -15.00
N ILE C 164 14.22 -27.82 -14.62
CA ILE C 164 13.84 -28.00 -13.23
C ILE C 164 12.49 -28.66 -13.09
N SER C 165 12.19 -29.15 -11.89
CA SER C 165 10.91 -29.81 -11.63
C SER C 165 9.98 -28.92 -10.80
N ALA C 166 8.73 -29.33 -10.69
CA ALA C 166 7.74 -28.59 -9.92
C ALA C 166 8.22 -28.18 -8.53
N LYS C 167 9.02 -29.02 -7.89
CA LYS C 167 9.50 -28.71 -6.54
C LYS C 167 10.69 -27.75 -6.48
N ASP C 168 11.05 -27.17 -7.62
CA ASP C 168 12.20 -26.28 -7.64
C ASP C 168 11.85 -24.84 -7.99
N ILE C 169 10.56 -24.57 -8.16
CA ILE C 169 10.13 -23.23 -8.52
C ILE C 169 9.11 -22.67 -7.53
N VAL C 170 9.16 -21.37 -7.32
CA VAL C 170 8.24 -20.70 -6.41
C VAL C 170 7.78 -19.43 -7.08
N TYR C 171 6.47 -19.30 -7.25
CA TYR C 171 5.91 -18.10 -7.85
C TYR C 171 5.65 -17.07 -6.76
N ILE C 172 5.76 -15.79 -7.11
CA ILE C 172 5.45 -14.73 -6.17
C ILE C 172 4.77 -13.59 -6.90
N GLY C 173 3.59 -13.21 -6.41
CA GLY C 173 2.85 -12.11 -7.00
C GLY C 173 1.69 -12.50 -7.92
N LEU C 174 1.50 -13.79 -8.18
CA LEU C 174 0.43 -14.27 -9.05
C LEU C 174 -0.93 -13.64 -8.75
N ARG C 175 -1.62 -13.22 -9.81
CA ARG C 175 -2.93 -12.63 -9.64
C ARG C 175 -3.75 -12.65 -10.94
N ASP C 176 -3.17 -13.23 -11.98
CA ASP C 176 -3.82 -13.31 -13.29
C ASP C 176 -3.44 -14.65 -13.92
N VAL C 177 -4.10 -15.70 -13.46
CA VAL C 177 -3.83 -17.06 -13.93
C VAL C 177 -4.99 -17.66 -14.72
N ASP C 178 -4.67 -18.34 -15.81
CA ASP C 178 -5.72 -18.95 -16.63
C ASP C 178 -6.20 -20.24 -16.03
N PRO C 179 -7.40 -20.70 -16.45
CA PRO C 179 -8.00 -21.94 -15.96
C PRO C 179 -7.03 -23.10 -16.11
N GLY C 180 -6.40 -23.18 -17.29
CA GLY C 180 -5.44 -24.24 -17.53
C GLY C 180 -4.18 -24.07 -16.70
N GLU C 181 -3.61 -22.87 -16.72
CA GLU C 181 -2.39 -22.59 -15.95
C GLU C 181 -2.64 -22.95 -14.51
N HIS C 182 -3.83 -22.59 -14.03
CA HIS C 182 -4.21 -22.86 -12.65
C HIS C 182 -4.34 -24.36 -12.44
N TYR C 183 -5.04 -25.02 -13.35
CA TYR C 183 -5.20 -26.46 -13.24
C TYR C 183 -3.83 -27.11 -13.09
N ILE C 184 -2.90 -26.69 -13.95
CA ILE C 184 -1.55 -27.20 -13.96
C ILE C 184 -0.78 -26.97 -12.66
N ILE C 185 -0.64 -25.71 -12.24
CA ILE C 185 0.10 -25.45 -11.01
C ILE C 185 -0.46 -26.19 -9.81
N LYS C 186 -1.77 -26.42 -9.78
CA LYS C 186 -2.40 -27.15 -8.69
C LYS C 186 -2.13 -28.67 -8.86
N THR C 187 -2.30 -29.15 -10.09
CA THR C 187 -2.08 -30.55 -10.40
C THR C 187 -0.65 -31.02 -10.14
N LEU C 188 0.31 -30.12 -10.30
CA LEU C 188 1.72 -30.46 -10.10
C LEU C 188 2.25 -30.08 -8.72
N GLY C 189 1.38 -29.56 -7.87
CA GLY C 189 1.82 -29.17 -6.54
C GLY C 189 2.96 -28.19 -6.56
N ILE C 190 2.86 -27.16 -7.39
CA ILE C 190 3.89 -26.12 -7.47
C ILE C 190 3.64 -25.04 -6.41
N LYS C 191 4.61 -24.87 -5.52
CA LYS C 191 4.51 -23.87 -4.46
C LYS C 191 4.35 -22.48 -5.07
N TYR C 192 3.48 -21.67 -4.51
CA TYR C 192 3.28 -20.32 -5.01
C TYR C 192 2.66 -19.42 -3.96
N PHE C 193 2.94 -18.12 -4.07
CA PHE C 193 2.40 -17.10 -3.17
C PHE C 193 1.64 -16.07 -4.01
N SER C 194 0.35 -16.27 -4.20
CA SER C 194 -0.44 -15.34 -4.99
C SER C 194 -0.56 -14.04 -4.17
N MET C 195 -1.12 -13.00 -4.76
CA MET C 195 -1.25 -11.77 -4.01
C MET C 195 -2.08 -12.03 -2.76
N THR C 196 -2.92 -13.07 -2.79
CA THR C 196 -3.76 -13.34 -1.62
C THR C 196 -2.90 -13.85 -0.47
N GLU C 197 -1.87 -14.62 -0.77
CA GLU C 197 -0.99 -15.12 0.28
C GLU C 197 -0.13 -14.01 0.84
N VAL C 198 0.35 -13.14 -0.03
CA VAL C 198 1.19 -12.01 0.38
C VAL C 198 0.37 -11.11 1.29
N ASP C 199 -0.91 -10.95 0.96
CA ASP C 199 -1.78 -10.15 1.80
C ASP C 199 -1.89 -10.78 3.18
N LYS C 200 -2.14 -12.08 3.19
CA LYS C 200 -2.28 -12.86 4.41
C LYS C 200 -1.01 -12.88 5.27
N LEU C 201 0.09 -13.30 4.67
CA LEU C 201 1.35 -13.42 5.37
C LEU C 201 2.13 -12.11 5.48
N GLY C 202 2.14 -11.32 4.41
CA GLY C 202 2.92 -10.10 4.42
C GLY C 202 4.22 -10.52 3.77
N ILE C 203 4.73 -9.73 2.84
CA ILE C 203 5.97 -10.09 2.15
C ILE C 203 7.07 -10.59 3.10
N GLY C 204 7.04 -10.16 4.36
CA GLY C 204 8.06 -10.60 5.30
C GLY C 204 8.07 -12.12 5.47
N LYS C 205 6.92 -12.65 5.88
CA LYS C 205 6.79 -14.09 6.07
C LYS C 205 6.84 -14.83 4.73
N VAL C 206 6.35 -14.17 3.68
CA VAL C 206 6.35 -14.77 2.36
C VAL C 206 7.77 -15.19 1.98
N MET C 207 8.71 -14.26 2.06
CA MET C 207 10.10 -14.56 1.72
C MET C 207 10.70 -15.62 2.64
N GLU C 208 10.21 -15.62 3.88
CA GLU C 208 10.64 -16.54 4.90
C GLU C 208 10.29 -17.96 4.47
N GLU C 209 9.05 -18.16 4.06
CA GLU C 209 8.59 -19.47 3.63
C GLU C 209 9.19 -19.96 2.31
N THR C 210 9.42 -19.06 1.36
CA THR C 210 9.99 -19.49 0.08
C THR C 210 11.41 -19.95 0.27
N PHE C 211 12.13 -19.37 1.23
CA PHE C 211 13.50 -19.79 1.46
C PHE C 211 13.58 -21.13 2.19
N SER C 212 12.64 -21.36 3.10
CA SER C 212 12.62 -22.62 3.84
C SER C 212 12.15 -23.76 2.93
N TYR C 213 11.34 -23.42 1.92
CA TYR C 213 10.84 -24.41 0.97
C TYR C 213 11.96 -24.78 0.00
N LEU C 214 12.59 -23.78 -0.60
CA LEU C 214 13.65 -24.01 -1.57
C LEU C 214 15.03 -24.30 -1.00
N LEU C 215 15.36 -23.72 0.15
CA LEU C 215 16.68 -23.93 0.74
C LEU C 215 16.63 -24.71 2.05
N GLY C 216 15.47 -25.30 2.33
CA GLY C 216 15.30 -26.06 3.56
C GLY C 216 16.28 -27.20 3.75
N ARG C 217 16.32 -28.12 2.78
CA ARG C 217 17.25 -29.24 2.88
C ARG C 217 18.66 -28.83 2.46
N LYS C 218 18.84 -28.50 1.19
CA LYS C 218 20.14 -28.12 0.68
C LYS C 218 20.19 -26.63 0.35
N LYS C 219 21.41 -26.09 0.28
CA LYS C 219 21.61 -24.69 -0.06
C LYS C 219 22.13 -24.62 -1.50
N ARG C 220 21.24 -24.39 -2.45
CA ARG C 220 21.63 -24.32 -3.85
C ARG C 220 21.55 -22.91 -4.46
N PRO C 221 22.04 -22.77 -5.72
CA PRO C 221 22.00 -21.48 -6.41
C PRO C 221 20.58 -21.00 -6.74
N ILE C 222 20.43 -19.68 -6.73
CA ILE C 222 19.14 -19.04 -7.03
C ILE C 222 19.07 -18.28 -8.38
N HIS C 223 18.02 -18.57 -9.12
CA HIS C 223 17.75 -17.94 -10.37
C HIS C 223 16.48 -17.12 -10.21
N LEU C 224 16.64 -15.83 -9.96
CA LEU C 224 15.51 -14.93 -9.80
C LEU C 224 15.07 -14.43 -11.18
N SER C 225 13.90 -14.83 -11.64
CA SER C 225 13.41 -14.37 -12.93
C SER C 225 12.36 -13.36 -12.59
N PHE C 226 12.69 -12.08 -12.68
CA PHE C 226 11.75 -11.03 -12.32
C PHE C 226 10.98 -10.38 -13.48
N ASP C 227 9.68 -10.61 -13.54
CA ASP C 227 8.82 -9.97 -14.53
C ASP C 227 8.33 -8.68 -13.86
N VAL C 228 8.78 -7.54 -14.37
CA VAL C 228 8.42 -6.24 -13.81
C VAL C 228 6.90 -6.02 -13.57
N ASP C 229 6.09 -6.95 -14.08
CA ASP C 229 4.62 -6.89 -13.92
C ASP C 229 4.19 -7.69 -12.79
N GLY C 230 5.17 -7.97 -11.97
CA GLY C 230 4.88 -8.63 -10.75
C GLY C 230 4.45 -7.52 -9.80
N LEU C 231 4.82 -6.26 -10.15
CA LEU C 231 4.45 -5.14 -9.30
C LEU C 231 3.22 -4.48 -9.90
N ASP C 232 2.61 -3.59 -9.13
CA ASP C 232 1.42 -2.87 -9.55
C ASP C 232 1.71 -1.84 -10.65
N PRO C 233 0.81 -1.71 -11.63
CA PRO C 233 0.96 -0.76 -12.75
C PRO C 233 1.38 0.65 -12.31
N VAL C 234 1.10 0.98 -11.06
CA VAL C 234 1.45 2.27 -10.50
C VAL C 234 2.96 2.39 -10.33
N PHE C 235 3.65 1.27 -10.39
CA PHE C 235 5.10 1.31 -10.22
C PHE C 235 5.81 0.96 -11.53
N THR C 236 5.22 0.04 -12.27
CA THR C 236 5.80 -0.41 -13.52
C THR C 236 4.73 -0.43 -14.63
N PRO C 237 4.13 0.74 -14.91
CA PRO C 237 3.10 0.84 -15.93
C PRO C 237 3.51 0.38 -17.34
N ALA C 238 4.70 0.78 -17.76
CA ALA C 238 5.20 0.42 -19.09
C ALA C 238 5.50 -1.08 -19.25
N THR C 239 4.45 -1.87 -19.44
CA THR C 239 4.57 -3.30 -19.64
C THR C 239 3.40 -3.80 -20.48
N GLY C 240 3.60 -4.93 -21.16
CA GLY C 240 2.58 -5.47 -22.02
C GLY C 240 1.30 -5.98 -21.38
N THR C 241 1.40 -6.56 -20.19
CA THR C 241 0.22 -7.10 -19.52
C THR C 241 0.08 -6.63 -18.07
N PRO C 242 -0.20 -5.33 -17.86
CA PRO C 242 -0.36 -4.81 -16.51
C PRO C 242 -1.61 -5.38 -15.84
N VAL C 243 -1.54 -5.58 -14.53
CA VAL C 243 -2.67 -6.12 -13.77
C VAL C 243 -2.77 -5.43 -12.41
N VAL C 244 -3.95 -4.95 -12.06
CA VAL C 244 -4.09 -4.25 -10.79
C VAL C 244 -3.97 -5.14 -9.55
N GLY C 245 -3.63 -4.50 -8.43
CA GLY C 245 -3.47 -5.20 -7.16
C GLY C 245 -2.18 -5.96 -7.04
N GLY C 246 -1.10 -5.43 -7.59
CA GLY C 246 0.16 -6.14 -7.53
C GLY C 246 1.08 -5.84 -6.35
N LEU C 247 2.32 -6.30 -6.49
CA LEU C 247 3.33 -6.08 -5.48
C LEU C 247 3.69 -4.61 -5.48
N SER C 248 3.97 -4.09 -4.31
CA SER C 248 4.32 -2.69 -4.17
C SER C 248 5.79 -2.48 -4.47
N TYR C 249 6.17 -1.23 -4.70
CA TYR C 249 7.55 -0.90 -4.96
C TYR C 249 8.40 -1.46 -3.81
N ARG C 250 7.87 -1.33 -2.60
CA ARG C 250 8.54 -1.77 -1.41
C ARG C 250 8.73 -3.29 -1.34
N GLU C 251 7.67 -4.03 -1.63
CA GLU C 251 7.74 -5.47 -1.57
C GLU C 251 8.67 -6.01 -2.60
N GLY C 252 8.71 -5.33 -3.74
CA GLY C 252 9.60 -5.72 -4.80
C GLY C 252 11.03 -5.68 -4.27
N LEU C 253 11.41 -4.53 -3.74
CA LEU C 253 12.75 -4.35 -3.20
C LEU C 253 13.01 -5.26 -2.03
N TYR C 254 12.00 -5.48 -1.18
CA TYR C 254 12.18 -6.37 -0.05
C TYR C 254 12.52 -7.77 -0.59
N ILE C 255 11.85 -8.15 -1.67
CA ILE C 255 12.11 -9.45 -2.27
C ILE C 255 13.57 -9.54 -2.65
N THR C 256 14.07 -8.53 -3.35
CA THR C 256 15.47 -8.54 -3.81
C THR C 256 16.58 -8.39 -2.77
N GLU C 257 16.28 -7.74 -1.65
CA GLU C 257 17.28 -7.54 -0.61
C GLU C 257 17.50 -8.80 0.22
N GLU C 258 16.46 -9.64 0.24
CA GLU C 258 16.48 -10.91 0.96
C GLU C 258 17.29 -11.89 0.14
N ILE C 259 16.90 -12.04 -1.11
CA ILE C 259 17.62 -12.92 -2.01
C ILE C 259 19.09 -12.49 -2.01
N TYR C 260 19.35 -11.21 -1.84
CA TYR C 260 20.73 -10.79 -1.80
C TYR C 260 21.41 -11.40 -0.57
N LYS C 261 20.75 -11.30 0.58
CA LYS C 261 21.30 -11.81 1.82
C LYS C 261 21.60 -13.31 1.86
N THR C 262 20.84 -14.09 1.09
CA THR C 262 21.04 -15.53 1.04
C THR C 262 22.42 -15.86 0.48
N GLY C 263 23.05 -14.88 -0.15
CA GLY C 263 24.35 -15.08 -0.76
C GLY C 263 24.32 -16.16 -1.84
N LEU C 264 23.12 -16.54 -2.28
CA LEU C 264 22.97 -17.58 -3.29
C LEU C 264 22.48 -17.13 -4.66
N LEU C 265 22.36 -15.83 -4.89
CA LEU C 265 21.92 -15.36 -6.20
C LEU C 265 22.97 -15.76 -7.23
N SER C 266 22.52 -16.55 -8.20
CA SER C 266 23.38 -17.05 -9.26
C SER C 266 22.98 -16.43 -10.62
N GLY C 267 21.68 -16.28 -10.84
CA GLY C 267 21.19 -15.72 -12.08
C GLY C 267 19.96 -14.85 -11.91
N LEU C 268 19.88 -13.77 -12.67
CA LEU C 268 18.75 -12.87 -12.57
C LEU C 268 18.24 -12.45 -13.95
N ASP C 269 16.94 -12.26 -14.04
CA ASP C 269 16.27 -11.81 -15.25
C ASP C 269 15.42 -10.61 -14.88
N ILE C 270 15.47 -9.58 -15.71
CA ILE C 270 14.66 -8.38 -15.52
C ILE C 270 13.94 -8.26 -16.85
N MET C 271 12.71 -8.76 -16.90
CA MET C 271 11.93 -8.78 -18.14
C MET C 271 10.69 -7.90 -18.20
N GLU C 272 10.12 -7.86 -19.40
CA GLU C 272 8.90 -7.12 -19.71
C GLU C 272 8.89 -5.62 -19.58
N VAL C 273 10.06 -5.00 -19.50
CA VAL C 273 10.13 -3.55 -19.44
C VAL C 273 9.97 -3.09 -20.89
N ASN C 274 8.81 -2.51 -21.20
CA ASN C 274 8.50 -2.03 -22.55
C ASN C 274 8.41 -0.50 -22.50
N PRO C 275 9.39 0.20 -23.09
CA PRO C 275 9.36 1.67 -23.08
C PRO C 275 8.28 2.29 -23.97
N THR C 276 7.78 1.51 -24.91
CA THR C 276 6.77 2.00 -25.83
C THR C 276 5.34 1.88 -25.30
N LEU C 277 5.17 1.56 -24.02
CA LEU C 277 3.83 1.42 -23.48
C LEU C 277 3.49 2.42 -22.38
N GLY C 278 4.41 3.33 -22.10
CA GLY C 278 4.14 4.32 -21.08
C GLY C 278 3.26 5.45 -21.62
N LYS C 279 2.05 5.57 -21.09
CA LYS C 279 1.14 6.64 -21.52
C LYS C 279 1.85 8.01 -21.44
N THR C 280 2.93 8.09 -20.67
CA THR C 280 3.66 9.34 -20.57
C THR C 280 5.11 9.02 -20.27
N PRO C 281 6.02 9.91 -20.69
CA PRO C 281 7.45 9.70 -20.44
C PRO C 281 7.74 9.46 -18.94
N GLU C 282 6.82 9.90 -18.08
CA GLU C 282 6.99 9.72 -16.65
C GLU C 282 6.78 8.25 -16.33
N GLU C 283 5.81 7.66 -16.99
CA GLU C 283 5.52 6.25 -16.76
C GLU C 283 6.67 5.34 -17.23
N VAL C 284 7.26 5.66 -18.37
CA VAL C 284 8.38 4.87 -18.87
C VAL C 284 9.57 5.04 -17.92
N THR C 285 9.84 6.29 -17.56
CA THR C 285 10.93 6.57 -16.63
C THR C 285 10.69 5.77 -15.36
N ARG C 286 9.48 5.93 -14.84
CA ARG C 286 9.05 5.26 -13.61
C ARG C 286 9.32 3.76 -13.68
N THR C 287 8.97 3.11 -14.80
CA THR C 287 9.21 1.68 -14.95
C THR C 287 10.71 1.40 -14.93
N VAL C 288 11.44 2.02 -15.85
CA VAL C 288 12.90 1.81 -15.93
C VAL C 288 13.58 1.99 -14.59
N ASN C 289 13.26 3.07 -13.88
CA ASN C 289 13.87 3.34 -12.59
C ASN C 289 13.71 2.24 -11.54
N THR C 290 12.48 1.81 -11.28
CA THR C 290 12.31 0.77 -10.27
C THR C 290 12.94 -0.54 -10.76
N ALA C 291 12.91 -0.79 -12.07
CA ALA C 291 13.50 -2.01 -12.60
C ALA C 291 15.00 -1.98 -12.34
N VAL C 292 15.59 -0.79 -12.31
CA VAL C 292 17.01 -0.68 -12.07
C VAL C 292 17.24 -0.91 -10.58
N ALA C 293 16.41 -0.27 -9.75
CA ALA C 293 16.52 -0.41 -8.30
C ALA C 293 16.42 -1.88 -7.91
N LEU C 294 15.54 -2.62 -8.57
CA LEU C 294 15.40 -4.05 -8.28
C LEU C 294 16.72 -4.77 -8.54
N THR C 295 17.37 -4.42 -9.63
CA THR C 295 18.62 -5.04 -9.99
C THR C 295 19.69 -4.65 -8.98
N LEU C 296 19.86 -3.36 -8.76
CA LEU C 296 20.87 -2.91 -7.81
C LEU C 296 20.67 -3.59 -6.46
N SER C 297 19.41 -3.65 -6.02
CA SER C 297 19.07 -4.26 -4.76
C SER C 297 19.53 -5.70 -4.72
N ALA C 298 19.12 -6.47 -5.72
CA ALA C 298 19.51 -7.87 -5.82
C ALA C 298 20.99 -8.00 -5.51
N PHE C 299 21.79 -7.11 -6.08
CA PHE C 299 23.23 -7.16 -5.88
C PHE C 299 23.83 -6.42 -4.67
N GLY C 300 23.07 -6.29 -3.59
CA GLY C 300 23.63 -5.67 -2.40
C GLY C 300 23.14 -4.32 -1.93
N THR C 301 22.60 -3.52 -2.83
CA THR C 301 22.11 -2.21 -2.45
C THR C 301 21.03 -2.35 -1.37
N LYS C 302 21.22 -1.63 -0.26
CA LYS C 302 20.29 -1.69 0.85
C LYS C 302 19.61 -0.35 1.10
N ARG C 303 18.33 -0.40 1.46
CA ARG C 303 17.56 0.80 1.73
C ARG C 303 18.02 1.47 3.02
N GLU C 304 18.62 0.71 3.93
CA GLU C 304 19.11 1.27 5.19
C GLU C 304 20.43 2.01 4.98
N GLY C 305 20.98 1.83 3.78
CA GLY C 305 22.24 2.47 3.44
C GLY C 305 23.32 1.43 3.18
N ASN C 306 24.40 1.88 2.55
CA ASN C 306 25.54 1.02 2.24
C ASN C 306 26.82 1.84 2.40
N HIS C 307 27.89 1.21 2.86
CA HIS C 307 29.17 1.89 3.00
C HIS C 307 30.31 0.91 2.74
N LYS C 308 31.42 1.44 2.25
CA LYS C 308 32.59 0.64 1.94
C LYS C 308 33.35 0.16 3.16
N PRO C 309 33.85 -1.09 3.12
CA PRO C 309 34.63 -1.69 4.22
C PRO C 309 36.00 -1.03 4.36
N GLU C 310 36.53 -1.01 5.58
CA GLU C 310 37.85 -0.44 5.85
C GLU C 310 37.94 1.08 5.65
N THR C 311 36.81 1.73 5.41
CA THR C 311 36.83 3.18 5.24
C THR C 311 36.29 3.84 6.49
N ASP C 312 37.16 4.55 7.19
CA ASP C 312 36.78 5.26 8.41
C ASP C 312 36.32 6.65 7.95
N TYR C 313 35.00 6.81 7.83
CA TYR C 313 34.41 8.06 7.38
C TYR C 313 34.56 9.22 8.36
N LEU C 314 35.02 8.93 9.58
CA LEU C 314 35.19 9.97 10.57
C LEU C 314 36.65 10.40 10.72
#